data_4GW1
#
_entry.id   4GW1
#
_cell.length_a   64.257
_cell.length_b   82.582
_cell.length_c   211.630
_cell.angle_alpha   90.00
_cell.angle_beta   90.00
_cell.angle_gamma   90.00
#
_symmetry.space_group_name_H-M   'P 21 21 21'
#
loop_
_entity.id
_entity.type
_entity.pdbx_description
1 polymer 'Fab light chain'
2 polymer 'Fab heavy chain'
3 polymer 'cQFD meditope'
4 non-polymer 'PHOSPHATE ION'
5 water water
#
loop_
_entity_poly.entity_id
_entity_poly.type
_entity_poly.pdbx_seq_one_letter_code
_entity_poly.pdbx_strand_id
1 'polypeptide(L)'
;DILLTQSPVILSVSPGERVSFSCRASQSIGTNIHWYQQRTNGSPRLLIKYASESISGIPSRFSGSGSGTDFTLSINSVES
EDIADYYCQQNNNWPTTFGAGTKLELKRTVAAPSVFIFPPSDEQLKSGTASVVCLLNNFYPREAKVQWKVDNALQSGNSQ
ESVTEQDSKDSTYSLSSTLTLSKADYEKHKVYACEVTHQGLSSPVTKSFNRGEC
;
A,C
2 'polypeptide(L)'
;QVQLKQSGPGLVQPSQSLSITCTVSGFSLTNYGVHWVRQSPGKGLEWLGVIWSGGNTDYNTPFTSRLSINKDNSKSQVFF
KMNSLQSNDTAIYYCARALTYYDYEFAYWGQGTLVTVSAASTKGPSVFPLAPSSKSTSGGTAALGCLVKDYFPEPVTVSW
NSGALTSGVHTFPAVLQSSGLYSLSSVVTVPSSSLGTQTYICNVNHKPSNTKVDKRVEPKS
;
B,D
3 'polypeptide(L)' CQFDLSTRRLKC E,F
#
loop_
_chem_comp.id
_chem_comp.type
_chem_comp.name
_chem_comp.formula
PO4 non-polymer 'PHOSPHATE ION' 'O4 P -3'
#
# COMPACT_ATOMS: atom_id res chain seq x y z
N ASP A 1 19.70 22.26 -13.06
CA ASP A 1 19.08 21.07 -13.64
C ASP A 1 17.61 20.97 -13.20
N ILE A 2 16.77 20.46 -14.10
CA ILE A 2 15.36 20.28 -13.78
C ILE A 2 15.18 19.11 -12.82
N LEU A 3 14.46 19.37 -11.74
CA LEU A 3 14.11 18.30 -10.81
C LEU A 3 12.75 17.74 -11.18
N LEU A 4 12.68 16.42 -11.37
CA LEU A 4 11.41 15.77 -11.65
C LEU A 4 10.96 14.98 -10.43
N THR A 5 9.80 15.34 -9.90
CA THR A 5 9.29 14.67 -8.71
C THR A 5 8.14 13.75 -9.06
N GLN A 6 8.33 12.45 -8.85
CA GLN A 6 7.30 11.47 -9.14
C GLN A 6 6.51 11.08 -7.89
N SER A 7 5.19 11.01 -8.03
CA SER A 7 4.33 10.69 -6.91
C SER A 7 3.14 9.83 -7.36
N PRO A 8 2.67 8.94 -6.47
CA PRO A 8 3.33 8.64 -5.21
C PRO A 8 4.55 7.73 -5.45
N VAL A 9 5.29 7.43 -4.39
CA VAL A 9 6.46 6.57 -4.50
C VAL A 9 6.04 5.14 -4.86
N ILE A 10 4.95 4.69 -4.25
CA ILE A 10 4.43 3.35 -4.51
C ILE A 10 2.94 3.38 -4.78
N LEU A 11 2.53 2.68 -5.83
CA LEU A 11 1.13 2.52 -6.15
C LEU A 11 0.74 1.05 -6.03
N SER A 12 -0.40 0.79 -5.40
CA SER A 12 -0.90 -0.57 -5.23
C SER A 12 -2.34 -0.67 -5.72
N VAL A 13 -2.57 -1.48 -6.75
CA VAL A 13 -3.89 -1.54 -7.39
C VAL A 13 -4.30 -2.96 -7.78
N SER A 14 -5.60 -3.15 -7.96
CA SER A 14 -6.14 -4.44 -8.40
C SER A 14 -6.17 -4.50 -9.93
N PRO A 15 -6.11 -5.71 -10.49
CA PRO A 15 -6.17 -5.90 -11.95
C PRO A 15 -7.44 -5.34 -12.57
N GLY A 16 -7.32 -4.72 -13.72
CA GLY A 16 -8.47 -4.19 -14.43
C GLY A 16 -8.77 -2.76 -14.05
N GLU A 17 -8.26 -2.32 -12.90
CA GLU A 17 -8.42 -0.94 -12.46
C GLU A 17 -7.60 0.00 -13.33
N ARG A 18 -8.00 1.28 -13.34
CA ARG A 18 -7.19 2.30 -13.97
C ARG A 18 -6.15 2.80 -12.97
N VAL A 19 -4.97 3.13 -13.47
CA VAL A 19 -3.93 3.69 -12.62
C VAL A 19 -3.22 4.83 -13.35
N SER A 20 -2.77 5.82 -12.60
CA SER A 20 -2.03 6.94 -13.19
C SER A 20 -0.83 7.37 -12.34
N PHE A 21 0.24 7.76 -13.02
CA PHE A 21 1.48 8.16 -12.36
C PHE A 21 1.71 9.66 -12.59
N SER A 22 2.10 10.37 -11.54
CA SER A 22 2.39 11.80 -11.69
C SER A 22 3.89 12.07 -11.79
N CYS A 23 4.24 13.02 -12.64
CA CYS A 23 5.59 13.56 -12.71
C CYS A 23 5.47 15.09 -12.71
N ARG A 24 5.99 15.72 -11.67
CA ARG A 24 5.98 17.18 -11.59
C ARG A 24 7.38 17.77 -11.73
N ALA A 25 7.50 18.79 -12.57
CA ALA A 25 8.81 19.37 -12.88
C ALA A 25 9.03 20.67 -12.13
N SER A 26 10.29 20.96 -11.81
CA SER A 26 10.64 22.14 -11.02
C SER A 26 10.38 23.46 -11.76
N GLN A 27 10.27 23.38 -13.07
CA GLN A 27 9.88 24.54 -13.89
C GLN A 27 9.29 24.04 -15.20
N SER A 28 8.57 24.92 -15.90
CA SER A 28 7.84 24.51 -17.10
C SER A 28 8.76 23.91 -18.16
N ILE A 29 8.32 22.82 -18.77
CA ILE A 29 9.12 22.10 -19.76
C ILE A 29 8.31 21.74 -20.99
N GLY A 30 7.23 22.47 -21.23
CA GLY A 30 6.35 22.20 -22.36
C GLY A 30 5.77 20.80 -22.29
N THR A 31 5.99 20.01 -23.33
CA THR A 31 5.58 18.62 -23.34
C THR A 31 6.80 17.73 -23.57
N ASN A 32 7.97 18.24 -23.21
CA ASN A 32 9.20 17.53 -23.45
C ASN A 32 9.48 16.52 -22.34
N ILE A 33 8.61 15.51 -22.24
CA ILE A 33 8.77 14.48 -21.25
C ILE A 33 8.54 13.11 -21.88
N HIS A 34 9.36 12.14 -21.49
CA HIS A 34 9.23 10.76 -21.96
C HIS A 34 9.04 9.83 -20.77
N TRP A 35 8.33 8.72 -20.99
CA TRP A 35 8.08 7.76 -19.92
C TRP A 35 8.72 6.41 -20.22
N TYR A 36 9.20 5.75 -19.18
CA TYR A 36 9.85 4.44 -19.30
C TYR A 36 9.28 3.42 -18.31
N GLN A 37 9.32 2.15 -18.70
CA GLN A 37 8.96 1.06 -17.82
C GLN A 37 10.20 0.22 -17.52
N GLN A 38 10.37 -0.18 -16.26
CA GLN A 38 11.46 -1.10 -15.95
C GLN A 38 10.97 -2.30 -15.16
N ARG A 39 11.06 -3.46 -15.77
CA ARG A 39 10.66 -4.70 -15.12
C ARG A 39 11.85 -5.31 -14.38
N THR A 40 11.57 -6.34 -13.57
CA THR A 40 12.61 -7.00 -12.80
C THR A 40 13.74 -7.52 -13.71
N ASN A 41 14.96 -7.11 -13.39
CA ASN A 41 16.16 -7.50 -14.14
C ASN A 41 16.20 -7.00 -15.58
N GLY A 42 15.44 -5.95 -15.86
CA GLY A 42 15.35 -5.48 -17.23
C GLY A 42 15.94 -4.09 -17.44
N SER A 43 16.14 -3.74 -18.71
CA SER A 43 16.56 -2.40 -19.05
C SER A 43 15.30 -1.56 -19.27
N PRO A 44 15.41 -0.24 -19.12
CA PRO A 44 14.25 0.62 -19.31
C PRO A 44 13.62 0.46 -20.70
N ARG A 45 12.31 0.65 -20.78
CA ARG A 45 11.55 0.43 -22.00
C ARG A 45 10.71 1.66 -22.27
N LEU A 46 10.93 2.30 -23.41
CA LEU A 46 10.24 3.54 -23.77
C LEU A 46 8.75 3.31 -24.03
N LEU A 47 7.90 3.99 -23.26
CA LEU A 47 6.45 3.83 -23.36
C LEU A 47 5.79 4.98 -24.12
N ILE A 48 6.16 6.20 -23.77
CA ILE A 48 5.55 7.41 -24.33
C ILE A 48 6.66 8.41 -24.59
N LYS A 49 6.62 9.09 -25.73
CA LYS A 49 7.54 10.19 -25.99
C LYS A 49 6.77 11.50 -26.10
N TYR A 50 7.38 12.60 -25.68
CA TYR A 50 6.77 13.92 -25.76
C TYR A 50 5.37 13.98 -25.13
N ALA A 51 5.28 13.47 -23.90
CA ALA A 51 4.08 13.56 -23.06
C ALA A 51 2.92 12.67 -23.46
N SER A 52 2.62 12.60 -24.76
CA SER A 52 1.40 11.92 -25.19
C SER A 52 1.55 11.07 -26.44
N GLU A 53 2.73 11.06 -27.04
CA GLU A 53 2.90 10.40 -28.33
C GLU A 53 3.22 8.93 -28.19
N SER A 54 2.51 8.11 -28.95
CA SER A 54 2.60 6.65 -28.82
C SER A 54 3.92 6.09 -29.37
N ILE A 55 4.28 4.91 -28.87
CA ILE A 55 5.51 4.25 -29.29
C ILE A 55 5.17 2.90 -29.90
N SER A 56 5.85 2.55 -30.98
CA SER A 56 5.59 1.29 -31.67
C SER A 56 5.82 0.10 -30.76
N GLY A 57 4.82 -0.77 -30.65
CA GLY A 57 4.96 -1.99 -29.89
C GLY A 57 4.41 -1.90 -28.47
N ILE A 58 4.13 -0.67 -28.02
CA ILE A 58 3.57 -0.46 -26.69
C ILE A 58 2.07 -0.68 -26.74
N PRO A 59 1.54 -1.50 -25.81
CA PRO A 59 0.10 -1.77 -25.72
C PRO A 59 -0.72 -0.49 -25.62
N SER A 60 -1.93 -0.52 -26.17
CA SER A 60 -2.75 0.67 -26.26
C SER A 60 -3.20 1.16 -24.89
N ARG A 61 -3.13 0.31 -23.88
CA ARG A 61 -3.61 0.66 -22.55
C ARG A 61 -2.76 1.77 -21.89
N PHE A 62 -1.54 1.95 -22.40
CA PHE A 62 -0.67 3.02 -21.93
C PHE A 62 -0.95 4.34 -22.65
N SER A 63 -1.05 5.42 -21.88
CA SER A 63 -1.20 6.75 -22.48
C SER A 63 -0.64 7.82 -21.55
N GLY A 64 -0.32 8.98 -22.10
CA GLY A 64 0.19 10.09 -21.30
C GLY A 64 -0.49 11.42 -21.62
N SER A 65 -0.40 12.35 -20.68
CA SER A 65 -0.91 13.70 -20.89
C SER A 65 -0.14 14.66 -20.01
N GLY A 66 -0.49 15.94 -20.11
CA GLY A 66 0.13 16.97 -19.30
C GLY A 66 0.90 18.01 -20.08
N SER A 67 0.98 19.21 -19.52
CA SER A 67 1.74 20.31 -20.10
C SER A 67 2.35 21.14 -18.99
N GLY A 68 3.41 21.89 -19.32
CA GLY A 68 4.04 22.76 -18.35
C GLY A 68 4.85 21.99 -17.32
N THR A 69 4.27 21.77 -16.14
CA THR A 69 5.00 21.11 -15.07
C THR A 69 4.30 19.85 -14.56
N ASP A 70 3.05 19.64 -14.96
CA ASP A 70 2.25 18.54 -14.41
C ASP A 70 1.95 17.46 -15.45
N PHE A 71 2.56 16.29 -15.30
CA PHE A 71 2.46 15.23 -16.30
C PHE A 71 1.92 13.91 -15.75
N THR A 72 1.17 13.19 -16.57
CA THR A 72 0.50 11.96 -16.12
C THR A 72 0.65 10.78 -17.09
N LEU A 73 1.20 9.67 -16.59
CA LEU A 73 1.20 8.42 -17.34
C LEU A 73 0.04 7.57 -16.86
N SER A 74 -0.77 7.07 -17.77
CA SER A 74 -1.94 6.29 -17.39
C SER A 74 -1.94 4.87 -17.97
N ILE A 75 -2.49 3.95 -17.20
CA ILE A 75 -2.81 2.61 -17.67
C ILE A 75 -4.31 2.38 -17.43
N ASN A 76 -5.09 2.32 -18.52
CA ASN A 76 -6.55 2.30 -18.38
C ASN A 76 -7.11 1.03 -17.75
N SER A 77 -6.40 -0.08 -17.90
CA SER A 77 -6.79 -1.34 -17.31
C SER A 77 -5.55 -2.17 -17.02
N VAL A 78 -5.12 -2.18 -15.76
CA VAL A 78 -3.85 -2.78 -15.38
C VAL A 78 -3.87 -4.29 -15.46
N GLU A 79 -2.79 -4.86 -16.00
CA GLU A 79 -2.60 -6.30 -16.06
C GLU A 79 -1.43 -6.68 -15.16
N SER A 80 -1.32 -7.95 -14.82
CA SER A 80 -0.26 -8.43 -13.94
C SER A 80 1.11 -8.18 -14.51
N GLU A 81 1.23 -8.24 -15.82
CA GLU A 81 2.49 -8.00 -16.51
C GLU A 81 2.94 -6.54 -16.41
N ASP A 82 2.12 -5.70 -15.79
CA ASP A 82 2.48 -4.28 -15.66
C ASP A 82 3.25 -4.01 -14.38
N ILE A 83 3.38 -5.04 -13.53
CA ILE A 83 4.23 -4.97 -12.35
C ILE A 83 5.62 -4.53 -12.76
N ALA A 84 6.00 -3.33 -12.34
CA ALA A 84 7.25 -2.70 -12.77
C ALA A 84 7.44 -1.36 -12.06
N ASP A 85 8.60 -0.75 -12.31
CA ASP A 85 8.83 0.62 -11.91
C ASP A 85 8.63 1.52 -13.12
N TYR A 86 8.18 2.75 -12.89
CA TYR A 86 7.91 3.69 -13.98
C TYR A 86 8.65 5.01 -13.76
N TYR A 87 9.37 5.45 -14.80
CA TYR A 87 10.20 6.64 -14.72
C TYR A 87 9.83 7.68 -15.77
N CYS A 88 9.87 8.95 -15.39
CA CYS A 88 9.72 10.03 -16.36
C CYS A 88 11.08 10.64 -16.67
N GLN A 89 11.17 11.33 -17.80
CA GLN A 89 12.40 11.96 -18.24
C GLN A 89 12.05 13.28 -18.93
N GLN A 90 12.72 14.36 -18.55
CA GLN A 90 12.54 15.63 -19.25
C GLN A 90 13.73 15.90 -20.15
N ASN A 91 13.49 16.57 -21.27
CA ASN A 91 14.58 17.04 -22.10
C ASN A 91 14.31 18.41 -22.73
N ASN A 92 13.62 19.27 -22.00
CA ASN A 92 13.48 20.65 -22.44
C ASN A 92 14.73 21.43 -22.07
N ASN A 93 15.43 20.95 -21.06
CA ASN A 93 16.60 21.63 -20.52
C ASN A 93 17.80 20.70 -20.32
N TRP A 94 18.93 21.08 -20.88
CA TRP A 94 20.17 20.31 -20.75
C TRP A 94 20.72 20.43 -19.33
N PRO A 95 21.12 19.29 -18.72
CA PRO A 95 21.08 17.94 -19.30
C PRO A 95 19.73 17.26 -19.06
N THR A 96 19.36 16.31 -19.91
CA THR A 96 18.16 15.51 -19.67
C THR A 96 18.26 14.87 -18.29
N THR A 97 17.14 14.79 -17.59
CA THR A 97 17.12 14.24 -16.23
C THR A 97 15.93 13.31 -16.07
N PHE A 98 16.03 12.42 -15.08
CA PHE A 98 14.98 11.43 -14.84
C PHE A 98 14.38 11.63 -13.44
N GLY A 99 13.13 11.19 -13.28
CA GLY A 99 12.51 11.15 -11.97
C GLY A 99 13.07 9.99 -11.16
N ALA A 100 12.69 9.91 -9.88
CA ALA A 100 13.21 8.86 -9.03
C ALA A 100 12.39 7.57 -9.14
N GLY A 101 11.26 7.65 -9.84
CA GLY A 101 10.46 6.48 -10.12
C GLY A 101 9.28 6.21 -9.22
N THR A 102 8.27 5.55 -9.79
CA THR A 102 7.14 5.06 -9.02
C THR A 102 7.01 3.55 -9.21
N LYS A 103 6.92 2.82 -8.10
CA LYS A 103 6.78 1.37 -8.15
C LYS A 103 5.31 0.98 -8.25
N LEU A 104 4.99 0.08 -9.19
CA LEU A 104 3.62 -0.39 -9.36
C LEU A 104 3.42 -1.80 -8.81
N GLU A 105 2.68 -1.89 -7.72
CA GLU A 105 2.40 -3.18 -7.09
C GLU A 105 0.99 -3.64 -7.42
N LEU A 106 0.80 -4.95 -7.54
CA LEU A 106 -0.52 -5.47 -7.81
C LEU A 106 -1.12 -6.22 -6.64
N LYS A 107 -2.43 -6.06 -6.47
CA LYS A 107 -3.16 -6.81 -5.47
C LYS A 107 -3.71 -8.09 -6.09
N ARG A 108 -4.02 -9.06 -5.22
CA ARG A 108 -4.66 -10.29 -5.63
C ARG A 108 -5.21 -10.96 -4.38
N THR A 109 -5.90 -12.09 -4.55
CA THR A 109 -6.46 -12.79 -3.41
C THR A 109 -5.34 -13.39 -2.57
N VAL A 110 -5.66 -13.70 -1.32
CA VAL A 110 -4.69 -14.34 -0.42
C VAL A 110 -4.34 -15.73 -0.92
N ALA A 111 -3.05 -16.02 -0.97
CA ALA A 111 -2.56 -17.34 -1.37
C ALA A 111 -1.55 -17.81 -0.33
N ALA A 112 -1.81 -18.97 0.26
CA ALA A 112 -0.91 -19.54 1.25
C ALA A 112 0.34 -20.08 0.58
N PRO A 113 1.49 -19.99 1.26
CA PRO A 113 2.73 -20.54 0.68
C PRO A 113 2.78 -22.06 0.77
N SER A 114 3.36 -22.70 -0.24
CA SER A 114 3.74 -24.11 -0.15
C SER A 114 5.15 -24.14 0.42
N VAL A 115 5.34 -24.90 1.50
CA VAL A 115 6.60 -24.86 2.24
C VAL A 115 7.46 -26.11 1.99
N PHE A 116 8.74 -25.88 1.72
CA PHE A 116 9.67 -26.97 1.46
C PHE A 116 10.95 -26.71 2.24
N ILE A 117 11.57 -27.77 2.76
CA ILE A 117 12.82 -27.62 3.48
C ILE A 117 13.92 -28.48 2.86
N PHE A 118 15.16 -27.98 2.88
CA PHE A 118 16.29 -28.68 2.26
C PHE A 118 17.45 -28.82 3.23
N PRO A 119 17.83 -30.07 3.54
CA PRO A 119 19.03 -30.28 4.36
C PRO A 119 20.26 -29.81 3.61
N PRO A 120 21.37 -29.56 4.33
CA PRO A 120 22.61 -29.27 3.60
C PRO A 120 23.07 -30.50 2.85
N SER A 121 23.72 -30.30 1.71
CA SER A 121 24.23 -31.41 0.94
C SER A 121 25.51 -31.91 1.57
N ASP A 122 25.86 -33.15 1.26
CA ASP A 122 27.13 -33.71 1.69
C ASP A 122 28.30 -32.94 1.07
N GLU A 123 28.09 -32.41 -0.13
CA GLU A 123 29.15 -31.64 -0.79
C GLU A 123 29.50 -30.41 0.03
N GLN A 124 28.49 -29.66 0.47
CA GLN A 124 28.76 -28.47 1.26
C GLN A 124 29.41 -28.81 2.60
N LEU A 125 28.93 -29.87 3.24
CA LEU A 125 29.46 -30.30 4.52
C LEU A 125 30.96 -30.55 4.46
N LYS A 126 31.46 -30.95 3.30
CA LYS A 126 32.88 -31.14 3.10
C LYS A 126 33.63 -29.83 3.30
N SER A 127 33.03 -28.73 2.84
CA SER A 127 33.66 -27.42 2.91
C SER A 127 33.71 -26.87 4.34
N GLY A 128 32.97 -27.50 5.25
CA GLY A 128 32.99 -27.11 6.66
C GLY A 128 31.83 -26.25 7.11
N THR A 129 30.84 -26.08 6.22
CA THR A 129 29.68 -25.25 6.50
C THR A 129 28.40 -25.98 6.16
N ALA A 130 27.32 -25.65 6.86
CA ALA A 130 26.02 -26.24 6.58
C ALA A 130 24.96 -25.16 6.37
N SER A 131 24.34 -25.16 5.20
CA SER A 131 23.22 -24.27 4.93
C SER A 131 21.92 -25.07 4.88
N VAL A 132 20.94 -24.64 5.65
CA VAL A 132 19.62 -25.27 5.59
C VAL A 132 18.65 -24.27 4.98
N VAL A 133 17.92 -24.70 3.96
CA VAL A 133 17.06 -23.78 3.23
C VAL A 133 15.59 -24.12 3.38
N CYS A 134 14.80 -23.12 3.74
CA CYS A 134 13.36 -23.25 3.82
C CYS A 134 12.77 -22.44 2.68
N LEU A 135 11.91 -23.05 1.89
CA LEU A 135 11.30 -22.36 0.75
C LEU A 135 9.81 -22.16 0.94
N LEU A 136 9.36 -20.91 0.78
CA LEU A 136 7.94 -20.58 0.81
C LEU A 136 7.58 -20.16 -0.60
N ASN A 137 6.77 -20.98 -1.27
CA ASN A 137 6.54 -20.79 -2.70
C ASN A 137 5.16 -20.23 -3.01
N ASN A 138 5.13 -19.18 -3.82
CA ASN A 138 3.91 -18.67 -4.46
C ASN A 138 2.80 -18.25 -3.50
N PHE A 139 3.05 -17.18 -2.75
CA PHE A 139 2.11 -16.73 -1.75
C PHE A 139 1.81 -15.23 -1.87
N TYR A 140 0.71 -14.82 -1.26
CA TYR A 140 0.33 -13.42 -1.21
C TYR A 140 -0.54 -13.24 0.03
N PRO A 141 -0.33 -12.16 0.79
CA PRO A 141 0.62 -11.07 0.52
C PRO A 141 2.04 -11.40 0.95
N ARG A 142 2.93 -10.42 0.76
CA ARG A 142 4.37 -10.58 0.92
C ARG A 142 4.78 -10.92 2.34
N GLU A 143 4.06 -10.40 3.33
CA GLU A 143 4.38 -10.64 4.73
C GLU A 143 4.24 -12.11 5.13
N ALA A 144 5.30 -12.65 5.75
CA ALA A 144 5.31 -13.99 6.30
C ALA A 144 6.37 -14.07 7.41
N LYS A 145 6.22 -15.02 8.32
CA LYS A 145 7.22 -15.22 9.39
C LYS A 145 7.84 -16.60 9.27
N VAL A 146 9.17 -16.64 9.38
CA VAL A 146 9.88 -17.91 9.41
C VAL A 146 10.66 -18.02 10.70
N GLN A 147 10.38 -19.06 11.45
CA GLN A 147 11.07 -19.30 12.71
C GLN A 147 11.82 -20.63 12.65
N TRP A 148 13.12 -20.58 12.94
CA TRP A 148 13.94 -21.78 12.91
C TRP A 148 14.12 -22.34 14.32
N LYS A 149 14.05 -23.66 14.43
CA LYS A 149 14.32 -24.34 15.68
C LYS A 149 15.25 -25.51 15.44
N VAL A 150 16.27 -25.63 16.27
CA VAL A 150 17.18 -26.75 16.22
C VAL A 150 17.14 -27.43 17.58
N ASP A 151 16.67 -28.67 17.61
CA ASP A 151 16.46 -29.38 18.87
C ASP A 151 15.70 -28.50 19.85
N ASN A 152 14.61 -27.92 19.38
CA ASN A 152 13.76 -27.02 20.19
C ASN A 152 14.40 -25.71 20.63
N ALA A 153 15.62 -25.45 20.19
CA ALA A 153 16.25 -24.16 20.46
C ALA A 153 15.89 -23.19 19.35
N LEU A 154 15.26 -22.08 19.75
CA LEU A 154 14.95 -21.01 18.80
C LEU A 154 16.24 -20.45 18.23
N GLN A 155 16.33 -20.37 16.91
CA GLN A 155 17.49 -19.77 16.28
C GLN A 155 17.24 -18.29 16.04
N SER A 156 18.27 -17.48 16.25
CA SER A 156 18.16 -16.04 16.03
C SER A 156 19.48 -15.41 15.57
N GLY A 157 19.40 -14.68 14.47
CA GLY A 157 20.56 -13.95 13.98
C GLY A 157 21.44 -14.74 13.02
N ASN A 158 21.14 -16.02 12.86
CA ASN A 158 21.94 -16.88 11.98
C ASN A 158 21.19 -17.35 10.73
N SER A 159 20.17 -16.60 10.33
CA SER A 159 19.47 -16.89 9.08
C SER A 159 19.29 -15.64 8.23
N GLN A 160 19.13 -15.84 6.93
CA GLN A 160 18.87 -14.74 6.02
C GLN A 160 17.71 -15.07 5.09
N GLU A 161 16.87 -14.06 4.86
CA GLU A 161 15.73 -14.21 3.99
C GLU A 161 15.93 -13.47 2.68
N SER A 162 15.37 -14.02 1.61
CA SER A 162 15.34 -13.32 0.34
C SER A 162 13.96 -13.51 -0.27
N VAL A 163 13.41 -12.43 -0.81
CA VAL A 163 12.08 -12.46 -1.41
C VAL A 163 12.17 -12.02 -2.86
N THR A 164 11.55 -12.80 -3.75
CA THR A 164 11.53 -12.44 -5.15
C THR A 164 10.62 -11.24 -5.36
N GLU A 165 10.76 -10.59 -6.50
CA GLU A 165 9.81 -9.54 -6.88
C GLU A 165 8.50 -10.23 -7.25
N GLN A 166 7.41 -9.47 -7.31
CA GLN A 166 6.11 -10.03 -7.64
C GLN A 166 6.13 -10.71 -9.01
N ASP A 167 5.48 -11.86 -9.10
CA ASP A 167 5.45 -12.65 -10.32
C ASP A 167 4.58 -11.95 -11.36
N SER A 168 5.04 -11.88 -12.60
CA SER A 168 4.35 -11.09 -13.61
C SER A 168 3.07 -11.75 -14.12
N LYS A 169 2.86 -13.02 -13.75
CA LYS A 169 1.71 -13.76 -14.22
C LYS A 169 0.64 -13.99 -13.13
N ASP A 170 1.06 -14.38 -11.94
CA ASP A 170 0.10 -14.69 -10.89
C ASP A 170 0.17 -13.75 -9.69
N SER A 171 1.10 -12.79 -9.75
CA SER A 171 1.22 -11.75 -8.72
C SER A 171 1.60 -12.24 -7.33
N THR A 172 2.20 -13.44 -7.25
CA THR A 172 2.65 -13.97 -5.98
C THR A 172 4.12 -13.68 -5.71
N TYR A 173 4.54 -13.97 -4.49
CA TYR A 173 5.92 -13.87 -4.07
C TYR A 173 6.41 -15.26 -3.67
N SER A 174 7.72 -15.47 -3.74
CA SER A 174 8.31 -16.63 -3.10
C SER A 174 9.40 -16.13 -2.17
N LEU A 175 9.69 -16.91 -1.13
CA LEU A 175 10.66 -16.48 -0.13
C LEU A 175 11.57 -17.64 0.26
N SER A 176 12.85 -17.32 0.48
CA SER A 176 13.77 -18.32 1.00
C SER A 176 14.31 -17.86 2.33
N SER A 177 14.42 -18.79 3.28
CA SER A 177 15.10 -18.51 4.53
C SER A 177 16.23 -19.51 4.68
N THR A 178 17.45 -19.01 4.79
CA THR A 178 18.62 -19.87 4.84
C THR A 178 19.30 -19.81 6.21
N LEU A 179 19.32 -20.94 6.90
CA LEU A 179 19.96 -21.05 8.20
C LEU A 179 21.38 -21.56 7.98
N THR A 180 22.36 -20.79 8.43
CA THR A 180 23.75 -21.17 8.21
C THR A 180 24.46 -21.51 9.52
N LEU A 181 25.07 -22.69 9.55
CA LEU A 181 25.80 -23.16 10.70
C LEU A 181 27.15 -23.70 10.28
N SER A 182 28.08 -23.79 11.23
CA SER A 182 29.33 -24.49 10.99
C SER A 182 28.97 -25.95 10.91
N LYS A 183 29.78 -26.74 10.21
CA LYS A 183 29.56 -28.18 10.17
C LYS A 183 29.56 -28.76 11.57
N ALA A 184 30.46 -28.26 12.41
CA ALA A 184 30.60 -28.75 13.79
C ALA A 184 29.28 -28.64 14.55
N ASP A 185 28.70 -27.44 14.55
CA ASP A 185 27.39 -27.22 15.16
C ASP A 185 26.35 -28.15 14.55
N TYR A 186 26.28 -28.18 13.22
CA TYR A 186 25.30 -29.00 12.52
C TYR A 186 25.33 -30.46 12.98
N GLU A 187 26.53 -31.00 13.15
CA GLU A 187 26.70 -32.40 13.54
C GLU A 187 26.31 -32.64 14.99
N LYS A 188 26.38 -31.59 15.81
CA LYS A 188 26.06 -31.71 17.23
C LYS A 188 24.55 -31.74 17.51
N HIS A 189 23.75 -31.60 16.46
CA HIS A 189 22.30 -31.50 16.65
C HIS A 189 21.54 -32.44 15.73
N LYS A 190 20.28 -32.72 16.06
CA LYS A 190 19.50 -33.70 15.30
C LYS A 190 18.28 -33.15 14.54
N VAL A 191 17.40 -32.43 15.24
CA VAL A 191 16.13 -32.00 14.65
C VAL A 191 16.21 -30.58 14.11
N TYR A 192 15.97 -30.44 12.80
CA TYR A 192 16.00 -29.12 12.16
C TYR A 192 14.63 -28.76 11.59
N ALA A 193 14.09 -27.62 12.02
CA ALA A 193 12.71 -27.28 11.68
C ALA A 193 12.51 -25.79 11.37
N CYS A 194 11.83 -25.49 10.28
CA CYS A 194 11.35 -24.13 10.07
C CYS A 194 9.84 -24.11 10.18
N GLU A 195 9.33 -23.13 10.91
CA GLU A 195 7.90 -22.96 11.09
C GLU A 195 7.44 -21.70 10.36
N VAL A 196 6.42 -21.85 9.55
CA VAL A 196 5.95 -20.75 8.72
C VAL A 196 4.59 -20.26 9.17
N THR A 197 4.49 -18.94 9.32
CA THR A 197 3.25 -18.29 9.65
C THR A 197 2.91 -17.34 8.49
N HIS A 198 1.64 -17.36 8.07
CA HIS A 198 1.19 -16.51 6.97
C HIS A 198 -0.32 -16.35 7.05
N GLN A 199 -0.82 -15.21 6.58
CA GLN A 199 -2.25 -14.91 6.59
C GLN A 199 -3.12 -16.01 5.98
N GLY A 200 -2.61 -16.66 4.93
CA GLY A 200 -3.34 -17.69 4.23
C GLY A 200 -3.35 -19.06 4.89
N LEU A 201 -2.70 -19.18 6.04
CA LEU A 201 -2.67 -20.45 6.78
C LEU A 201 -3.54 -20.39 8.03
N SER A 202 -4.35 -21.42 8.25
CA SER A 202 -5.21 -21.45 9.42
C SER A 202 -4.42 -21.82 10.67
N SER A 203 -3.24 -22.38 10.46
CA SER A 203 -2.31 -22.67 11.55
C SER A 203 -0.90 -22.75 10.97
N PRO A 204 0.14 -22.58 11.82
CA PRO A 204 1.51 -22.60 11.32
C PRO A 204 1.88 -23.91 10.64
N VAL A 205 2.71 -23.82 9.60
CA VAL A 205 3.18 -25.01 8.89
C VAL A 205 4.64 -25.26 9.24
N THR A 206 4.91 -26.44 9.79
CA THR A 206 6.26 -26.80 10.14
C THR A 206 6.78 -27.87 9.20
N LYS A 207 7.93 -27.62 8.59
CA LYS A 207 8.65 -28.63 7.83
C LYS A 207 9.95 -28.91 8.56
N SER A 208 10.30 -30.18 8.71
CA SER A 208 11.50 -30.53 9.45
C SER A 208 12.15 -31.81 8.96
N PHE A 209 13.38 -32.02 9.40
CA PHE A 209 14.08 -33.27 9.16
C PHE A 209 15.02 -33.59 10.31
N ASN A 210 15.37 -34.86 10.45
CA ASN A 210 16.41 -35.28 11.36
C ASN A 210 17.68 -35.51 10.56
N ARG A 211 18.78 -34.89 10.98
CA ARG A 211 20.07 -35.09 10.34
C ARG A 211 20.40 -36.58 10.21
N GLY A 212 20.48 -37.06 8.97
CA GLY A 212 20.75 -38.47 8.72
C GLY A 212 19.54 -39.36 8.92
N GLN B 1 17.53 -6.28 -36.74
CA GLN B 1 16.92 -5.48 -35.69
C GLN B 1 17.98 -4.61 -35.00
N VAL B 2 17.55 -3.51 -34.40
CA VAL B 2 18.46 -2.64 -33.67
C VAL B 2 18.82 -3.29 -32.33
N GLN B 3 20.11 -3.47 -32.08
CA GLN B 3 20.58 -4.08 -30.85
C GLN B 3 21.85 -3.41 -30.34
N LEU B 4 21.92 -3.24 -29.02
CA LEU B 4 23.13 -2.76 -28.38
C LEU B 4 23.54 -3.79 -27.33
N LYS B 5 24.75 -4.31 -27.44
CA LYS B 5 25.21 -5.35 -26.53
C LYS B 5 26.50 -4.94 -25.82
N GLN B 6 26.47 -4.97 -24.50
CA GLN B 6 27.56 -4.42 -23.69
C GLN B 6 28.51 -5.49 -23.20
N SER B 7 29.75 -5.09 -22.93
CA SER B 7 30.73 -5.98 -22.33
C SER B 7 30.28 -6.35 -20.91
N GLY B 8 30.95 -7.35 -20.32
CA GLY B 8 30.47 -7.94 -19.08
C GLY B 8 30.74 -7.18 -17.80
N PRO B 9 29.99 -7.51 -16.75
CA PRO B 9 30.12 -6.86 -15.43
C PRO B 9 31.44 -7.24 -14.76
N GLY B 10 31.88 -6.40 -13.82
CA GLY B 10 33.11 -6.68 -13.13
C GLY B 10 33.40 -5.75 -11.98
N LEU B 11 34.55 -5.96 -11.36
CA LEU B 11 34.97 -5.20 -10.20
C LEU B 11 36.03 -4.19 -10.60
N VAL B 12 35.87 -2.95 -10.13
CA VAL B 12 36.86 -1.91 -10.34
C VAL B 12 37.36 -1.44 -8.99
N GLN B 13 38.68 -1.38 -8.82
CA GLN B 13 39.25 -0.92 -7.56
C GLN B 13 39.09 0.60 -7.43
N PRO B 14 38.85 1.06 -6.19
CA PRO B 14 38.73 2.51 -5.93
C PRO B 14 39.92 3.25 -6.52
N SER B 15 39.67 4.40 -7.13
CA SER B 15 40.67 5.24 -7.79
C SER B 15 41.06 4.75 -9.20
N GLN B 16 40.77 3.49 -9.50
CA GLN B 16 41.06 2.96 -10.84
C GLN B 16 39.99 3.37 -11.85
N SER B 17 40.14 2.92 -13.08
CA SER B 17 39.25 3.35 -14.16
C SER B 17 38.26 2.28 -14.61
N LEU B 18 37.21 2.73 -15.29
CA LEU B 18 36.14 1.85 -15.76
C LEU B 18 36.09 1.87 -17.27
N SER B 19 36.04 0.70 -17.90
CA SER B 19 35.92 0.62 -19.35
C SER B 19 34.81 -0.34 -19.76
N ILE B 20 33.95 0.11 -20.68
CA ILE B 20 32.84 -0.71 -21.16
C ILE B 20 32.72 -0.54 -22.67
N THR B 21 32.46 -1.65 -23.36
CA THR B 21 32.26 -1.61 -24.80
C THR B 21 30.80 -1.86 -25.14
N CYS B 22 30.27 -1.05 -26.07
CA CYS B 22 28.93 -1.25 -26.58
C CYS B 22 29.08 -1.61 -28.04
N THR B 23 28.71 -2.82 -28.40
CA THR B 23 28.74 -3.24 -29.79
C THR B 23 27.33 -3.20 -30.33
N VAL B 24 27.13 -2.44 -31.40
CA VAL B 24 25.78 -2.23 -31.91
C VAL B 24 25.57 -2.92 -33.24
N SER B 25 24.32 -3.21 -33.55
CA SER B 25 23.95 -3.77 -34.85
C SER B 25 22.55 -3.31 -35.21
N GLY B 26 22.20 -3.44 -36.48
CA GLY B 26 20.92 -2.98 -36.98
C GLY B 26 20.91 -1.51 -37.31
N PHE B 27 22.05 -0.84 -37.08
CA PHE B 27 22.22 0.55 -37.49
C PHE B 27 23.70 0.93 -37.56
N SER B 28 23.97 2.09 -38.13
CA SER B 28 25.34 2.55 -38.30
C SER B 28 25.66 3.67 -37.30
N LEU B 29 26.88 3.63 -36.75
CA LEU B 29 27.31 4.66 -35.81
C LEU B 29 27.54 6.00 -36.51
N THR B 30 27.61 5.98 -37.83
CA THR B 30 27.77 7.20 -38.60
C THR B 30 26.44 7.93 -38.76
N ASN B 31 25.35 7.28 -38.38
CA ASN B 31 24.02 7.85 -38.54
C ASN B 31 23.27 8.10 -37.24
N TYR B 32 23.77 7.54 -36.14
CA TYR B 32 23.13 7.77 -34.83
C TYR B 32 24.14 8.07 -33.75
N GLY B 33 23.74 8.90 -32.79
CA GLY B 33 24.52 9.09 -31.58
C GLY B 33 24.25 7.96 -30.61
N VAL B 34 25.22 7.66 -29.76
CA VAL B 34 25.02 6.67 -28.71
C VAL B 34 25.25 7.29 -27.35
N HIS B 35 24.24 7.18 -26.49
CA HIS B 35 24.26 7.80 -25.17
C HIS B 35 24.64 6.79 -24.09
N TRP B 36 25.10 7.30 -22.96
CA TRP B 36 25.42 6.46 -21.81
C TRP B 36 24.67 6.96 -20.59
N VAL B 37 23.96 6.04 -19.94
CA VAL B 37 23.16 6.34 -18.77
C VAL B 37 23.55 5.34 -17.69
N ARG B 38 23.54 5.75 -16.43
CA ARG B 38 23.76 4.79 -15.36
C ARG B 38 22.61 4.82 -14.36
N GLN B 39 22.47 3.74 -13.59
CA GLN B 39 21.41 3.64 -12.61
C GLN B 39 21.98 3.18 -11.28
N SER B 40 21.85 4.02 -10.25
CA SER B 40 22.47 3.74 -8.96
C SER B 40 21.44 3.79 -7.83
N PRO B 41 21.77 3.18 -6.67
CA PRO B 41 20.86 3.28 -5.53
C PRO B 41 20.63 4.73 -5.11
N GLY B 42 21.71 5.49 -5.03
CA GLY B 42 21.64 6.85 -4.53
C GLY B 42 20.95 7.83 -5.46
N LYS B 43 21.33 7.81 -6.74
CA LYS B 43 20.84 8.81 -7.69
C LYS B 43 19.85 8.29 -8.73
N GLY B 44 19.65 6.98 -8.80
CA GLY B 44 18.74 6.41 -9.78
C GLY B 44 19.26 6.63 -11.20
N LEU B 45 18.36 6.94 -12.13
CA LEU B 45 18.74 7.14 -13.53
C LEU B 45 19.43 8.48 -13.74
N GLU B 46 20.59 8.42 -14.39
CA GLU B 46 21.47 9.57 -14.50
C GLU B 46 22.12 9.51 -15.86
N TRP B 47 21.90 10.54 -16.68
CA TRP B 47 22.50 10.61 -18.01
C TRP B 47 23.94 11.09 -17.90
N LEU B 48 24.86 10.37 -18.54
CA LEU B 48 26.28 10.65 -18.38
C LEU B 48 26.90 11.44 -19.55
N GLY B 49 26.52 11.09 -20.77
CA GLY B 49 27.06 11.74 -21.95
C GLY B 49 26.67 11.04 -23.23
N VAL B 50 27.24 11.47 -24.35
CA VAL B 50 26.86 10.94 -25.65
C VAL B 50 28.01 11.11 -26.63
N ILE B 51 28.14 10.18 -27.57
CA ILE B 51 29.01 10.40 -28.71
C ILE B 51 28.17 10.44 -29.99
N TRP B 52 28.26 11.55 -30.71
CA TRP B 52 27.42 11.79 -31.86
C TRP B 52 27.91 11.12 -33.12
N SER B 53 27.08 11.14 -34.15
CA SER B 53 27.37 10.51 -35.44
C SER B 53 28.75 10.92 -35.96
N GLY B 54 29.04 12.21 -35.85
CA GLY B 54 30.26 12.77 -36.42
C GLY B 54 31.47 12.73 -35.49
N GLY B 55 31.30 12.15 -34.30
CA GLY B 55 32.42 11.98 -33.40
C GLY B 55 32.50 12.95 -32.23
N ASN B 56 31.73 14.04 -32.26
CA ASN B 56 31.67 14.97 -31.14
C ASN B 56 31.12 14.32 -29.87
N THR B 57 31.53 14.83 -28.71
CA THR B 57 31.03 14.33 -27.44
C THR B 57 30.48 15.44 -26.55
N ASP B 58 29.42 15.12 -25.80
CA ASP B 58 28.96 15.97 -24.71
C ASP B 58 29.01 15.12 -23.44
N TYR B 59 29.45 15.71 -22.34
CA TYR B 59 29.49 15.01 -21.07
C TYR B 59 28.66 15.75 -20.04
N ASN B 60 27.87 15.04 -19.26
CA ASN B 60 27.13 15.68 -18.17
C ASN B 60 28.13 16.38 -17.24
N THR B 61 27.74 17.55 -16.74
CA THR B 61 28.62 18.42 -15.96
C THR B 61 29.53 17.78 -14.89
N PRO B 62 28.97 16.92 -14.02
CA PRO B 62 29.82 16.36 -12.97
C PRO B 62 30.86 15.35 -13.49
N PHE B 63 30.74 14.93 -14.74
CA PHE B 63 31.58 13.86 -15.26
C PHE B 63 32.55 14.36 -16.34
N THR B 64 32.49 15.65 -16.64
CA THR B 64 33.26 16.20 -17.73
C THR B 64 34.77 16.02 -17.57
N SER B 65 35.24 15.91 -16.33
CA SER B 65 36.67 15.80 -16.07
C SER B 65 37.18 14.36 -16.05
N ARG B 66 36.29 13.40 -15.87
CA ARG B 66 36.72 12.02 -15.72
C ARG B 66 36.01 11.04 -16.65
N LEU B 67 35.43 11.56 -17.72
CA LEU B 67 34.72 10.72 -18.68
C LEU B 67 35.26 10.94 -20.09
N SER B 68 35.38 9.85 -20.84
CA SER B 68 35.71 9.95 -22.26
C SER B 68 34.94 8.89 -23.03
N ILE B 69 34.39 9.29 -24.15
CA ILE B 69 33.67 8.36 -25.01
C ILE B 69 34.30 8.41 -26.40
N ASN B 70 34.67 7.24 -26.91
CA ASN B 70 35.22 7.12 -28.24
C ASN B 70 34.49 6.01 -28.98
N LYS B 71 34.78 5.84 -30.26
CA LYS B 71 34.10 4.81 -31.04
C LYS B 71 34.86 4.38 -32.28
N ASP B 72 34.47 3.23 -32.81
CA ASP B 72 35.04 2.66 -34.03
C ASP B 72 33.89 2.35 -34.97
N ASN B 73 33.59 3.28 -35.86
CA ASN B 73 32.47 3.16 -36.81
C ASN B 73 32.49 1.86 -37.60
N SER B 74 33.65 1.48 -38.09
CA SER B 74 33.79 0.27 -38.89
C SER B 74 33.50 -0.98 -38.07
N LYS B 75 33.81 -0.93 -36.77
CA LYS B 75 33.60 -2.07 -35.89
C LYS B 75 32.29 -1.98 -35.13
N SER B 76 31.55 -0.89 -35.34
CA SER B 76 30.28 -0.65 -34.67
C SER B 76 30.42 -0.71 -33.15
N GLN B 77 31.57 -0.28 -32.65
CA GLN B 77 31.81 -0.26 -31.21
C GLN B 77 31.92 1.15 -30.65
N VAL B 78 31.34 1.35 -29.47
CA VAL B 78 31.50 2.60 -28.74
C VAL B 78 32.24 2.31 -27.44
N PHE B 79 33.21 3.13 -27.11
CA PHE B 79 34.03 2.88 -25.93
C PHE B 79 33.80 3.90 -24.82
N PHE B 80 33.32 3.41 -23.68
CA PHE B 80 33.06 4.25 -22.53
C PHE B 80 34.20 4.07 -21.54
N LYS B 81 34.70 5.18 -21.01
CA LYS B 81 35.75 5.10 -20.00
C LYS B 81 35.60 6.20 -18.96
N MET B 82 35.66 5.80 -17.69
CA MET B 82 35.54 6.74 -16.58
C MET B 82 36.68 6.54 -15.57
N ASN B 83 37.27 7.64 -15.12
CA ASN B 83 38.45 7.60 -14.26
C ASN B 83 38.13 7.80 -12.78
N SER B 84 39.09 7.40 -11.94
CA SER B 84 39.03 7.56 -10.49
C SER B 84 37.65 7.34 -9.88
N LEU B 85 37.20 6.09 -9.89
CA LEU B 85 35.88 5.77 -9.34
C LEU B 85 35.93 5.67 -7.83
N GLN B 86 34.84 6.10 -7.19
CA GLN B 86 34.68 5.89 -5.76
C GLN B 86 33.57 4.87 -5.61
N SER B 87 33.28 4.46 -4.38
CA SER B 87 32.33 3.39 -4.15
C SER B 87 30.92 3.71 -4.67
N ASN B 88 30.55 4.98 -4.66
CA ASN B 88 29.21 5.35 -5.09
C ASN B 88 29.05 5.43 -6.61
N ASP B 89 30.10 5.08 -7.34
CA ASP B 89 30.02 4.94 -8.78
C ASP B 89 29.56 3.54 -9.14
N THR B 90 29.41 2.71 -8.10
CA THR B 90 28.81 1.39 -8.27
C THR B 90 27.41 1.57 -8.81
N ALA B 91 27.13 0.99 -9.96
CA ALA B 91 25.86 1.21 -10.65
C ALA B 91 25.74 0.28 -11.84
N ILE B 92 24.54 0.22 -12.40
CA ILE B 92 24.34 -0.39 -13.70
C ILE B 92 24.56 0.68 -14.76
N TYR B 93 25.47 0.40 -15.69
CA TYR B 93 25.74 1.31 -16.79
C TYR B 93 25.11 0.80 -18.07
N TYR B 94 24.43 1.70 -18.79
CA TYR B 94 23.79 1.34 -20.05
C TYR B 94 24.30 2.22 -21.18
N CYS B 95 24.41 1.63 -22.38
CA CYS B 95 24.49 2.45 -23.59
C CYS B 95 23.08 2.51 -24.17
N ALA B 96 22.77 3.58 -24.89
CA ALA B 96 21.42 3.75 -25.41
C ALA B 96 21.39 4.50 -26.73
N ARG B 97 20.37 4.25 -27.54
CA ARG B 97 20.21 4.95 -28.79
C ARG B 97 18.81 5.54 -28.84
N ALA B 98 18.73 6.77 -29.30
CA ALA B 98 17.45 7.46 -29.40
C ALA B 98 16.70 7.04 -30.66
N LEU B 99 15.47 7.54 -30.78
CA LEU B 99 14.61 7.24 -31.92
C LEU B 99 15.09 7.96 -33.18
N THR B 100 15.47 9.22 -33.05
CA THR B 100 16.07 9.94 -34.17
C THR B 100 17.52 10.27 -33.85
N TYR B 101 18.26 10.76 -34.83
CA TYR B 101 19.70 10.92 -34.68
C TYR B 101 20.09 12.01 -33.68
N TYR B 102 19.23 13.01 -33.53
CA TYR B 102 19.54 14.19 -32.73
C TYR B 102 18.89 14.18 -31.35
N ASP B 103 17.95 13.27 -31.14
CA ASP B 103 17.06 13.35 -29.99
C ASP B 103 17.53 12.52 -28.80
N TYR B 104 16.71 12.49 -27.76
CA TYR B 104 17.09 11.90 -26.47
C TYR B 104 16.01 10.95 -25.92
N GLU B 105 15.05 10.56 -26.74
CA GLU B 105 14.09 9.57 -26.29
C GLU B 105 14.65 8.18 -26.59
N PHE B 106 15.00 7.47 -25.53
CA PHE B 106 15.81 6.27 -25.64
C PHE B 106 14.97 5.02 -25.89
N ALA B 107 14.79 4.71 -27.17
CA ALA B 107 13.97 3.58 -27.58
C ALA B 107 14.75 2.26 -27.52
N TYR B 108 16.08 2.35 -27.51
CA TYR B 108 16.91 1.15 -27.52
C TYR B 108 17.99 1.20 -26.47
N TRP B 109 18.09 0.14 -25.68
CA TRP B 109 19.03 0.09 -24.57
C TRP B 109 19.93 -1.13 -24.64
N GLY B 110 21.18 -0.98 -24.24
CA GLY B 110 22.01 -2.13 -23.94
C GLY B 110 21.40 -2.93 -22.80
N GLN B 111 21.94 -4.13 -22.55
CA GLN B 111 21.39 -4.96 -21.48
C GLN B 111 21.86 -4.50 -20.11
N GLY B 112 22.77 -3.53 -20.11
CA GLY B 112 23.29 -2.99 -18.86
C GLY B 112 24.54 -3.73 -18.43
N THR B 113 25.39 -3.04 -17.68
CA THR B 113 26.61 -3.64 -17.14
C THR B 113 26.74 -3.22 -15.68
N LEU B 114 26.60 -4.16 -14.76
CA LEU B 114 26.73 -3.84 -13.35
C LEU B 114 28.20 -3.69 -12.99
N VAL B 115 28.58 -2.50 -12.56
CA VAL B 115 29.95 -2.25 -12.15
C VAL B 115 30.02 -2.02 -10.66
N THR B 116 30.87 -2.77 -9.98
CA THR B 116 31.03 -2.65 -8.55
C THR B 116 32.39 -2.04 -8.25
N VAL B 117 32.39 -0.95 -7.48
CA VAL B 117 33.63 -0.33 -7.09
C VAL B 117 33.94 -0.74 -5.65
N SER B 118 34.96 -1.56 -5.49
CA SER B 118 35.30 -2.08 -4.18
C SER B 118 36.76 -2.46 -4.12
N ALA B 119 37.34 -2.40 -2.92
CA ALA B 119 38.74 -2.74 -2.74
C ALA B 119 38.94 -4.25 -2.66
N ALA B 120 37.84 -4.99 -2.62
CA ALA B 120 37.88 -6.44 -2.44
C ALA B 120 38.38 -7.20 -3.67
N SER B 121 38.42 -8.51 -3.55
CA SER B 121 38.86 -9.39 -4.63
C SER B 121 37.67 -10.12 -5.26
N THR B 122 37.82 -10.53 -6.51
CA THR B 122 36.81 -11.29 -7.20
C THR B 122 36.87 -12.74 -6.71
N LYS B 123 35.69 -13.35 -6.56
CA LYS B 123 35.62 -14.72 -6.05
C LYS B 123 34.46 -15.50 -6.66
N GLY B 124 34.77 -16.61 -7.33
CA GLY B 124 33.74 -17.44 -7.93
C GLY B 124 32.94 -18.18 -6.88
N PRO B 125 31.69 -18.53 -7.20
CA PRO B 125 30.82 -19.19 -6.22
C PRO B 125 31.05 -20.71 -6.15
N SER B 126 30.66 -21.31 -5.03
CA SER B 126 30.49 -22.75 -4.96
C SER B 126 29.03 -23.01 -5.26
N VAL B 127 28.74 -24.11 -5.95
CA VAL B 127 27.35 -24.45 -6.25
C VAL B 127 27.00 -25.80 -5.62
N PHE B 128 25.96 -25.81 -4.78
CA PHE B 128 25.54 -27.02 -4.09
C PHE B 128 24.10 -27.37 -4.46
N PRO B 129 23.78 -28.67 -4.50
CA PRO B 129 22.42 -29.05 -4.89
C PRO B 129 21.44 -28.90 -3.73
N LEU B 130 20.24 -28.42 -4.05
CA LEU B 130 19.12 -28.44 -3.11
C LEU B 130 18.23 -29.56 -3.61
N ALA B 131 18.46 -30.75 -3.07
CA ALA B 131 17.90 -31.97 -3.65
C ALA B 131 16.43 -32.14 -3.32
N PRO B 132 15.66 -32.64 -4.30
CA PRO B 132 14.24 -32.96 -4.08
C PRO B 132 14.08 -34.19 -3.20
N SER B 133 13.12 -34.15 -2.28
CA SER B 133 12.81 -35.33 -1.46
C SER B 133 11.33 -35.37 -1.14
N SER B 134 10.94 -36.27 -0.24
CA SER B 134 9.56 -36.30 0.23
C SER B 134 9.27 -35.05 1.05
N LYS B 135 10.32 -34.44 1.60
CA LYS B 135 10.19 -33.23 2.41
C LYS B 135 10.17 -31.97 1.53
N SER B 136 10.29 -32.16 0.22
CA SER B 136 10.12 -31.08 -0.73
C SER B 136 9.16 -31.52 -1.85
N THR B 137 8.24 -32.42 -1.52
CA THR B 137 7.26 -32.93 -2.48
C THR B 137 5.86 -32.97 -1.87
N SER B 138 4.90 -32.34 -2.54
CA SER B 138 3.51 -32.39 -2.11
C SER B 138 2.56 -32.26 -3.30
N GLY B 139 1.52 -33.10 -3.31
CA GLY B 139 0.53 -33.07 -4.38
C GLY B 139 1.12 -33.37 -5.74
N GLY B 140 2.12 -34.25 -5.77
CA GLY B 140 2.75 -34.65 -7.01
C GLY B 140 3.75 -33.63 -7.57
N THR B 141 4.03 -32.59 -6.81
CA THR B 141 4.98 -31.57 -7.23
C THR B 141 6.22 -31.54 -6.33
N ALA B 142 7.39 -31.60 -6.95
CA ALA B 142 8.64 -31.59 -6.19
C ALA B 142 9.38 -30.28 -6.41
N ALA B 143 9.90 -29.70 -5.34
CA ALA B 143 10.77 -28.55 -5.48
C ALA B 143 12.22 -29.00 -5.42
N LEU B 144 13.08 -28.34 -6.18
CA LEU B 144 14.50 -28.60 -6.17
C LEU B 144 15.22 -27.32 -6.54
N GLY B 145 16.53 -27.26 -6.31
CA GLY B 145 17.25 -26.05 -6.59
C GLY B 145 18.76 -26.15 -6.48
N CYS B 146 19.41 -25.00 -6.52
CA CYS B 146 20.85 -24.90 -6.40
C CYS B 146 21.21 -23.77 -5.46
N LEU B 147 22.18 -24.02 -4.60
CA LEU B 147 22.66 -23.00 -3.69
C LEU B 147 23.94 -22.42 -4.27
N VAL B 148 23.91 -21.13 -4.56
CA VAL B 148 25.05 -20.46 -5.18
C VAL B 148 25.71 -19.55 -4.16
N LYS B 149 26.80 -20.04 -3.58
CA LYS B 149 27.29 -19.47 -2.34
C LYS B 149 28.70 -18.86 -2.42
N ASP B 150 28.90 -17.76 -1.71
CA ASP B 150 30.22 -17.15 -1.51
C ASP B 150 30.86 -16.65 -2.79
N TYR B 151 30.25 -15.64 -3.40
CA TYR B 151 30.85 -15.04 -4.58
C TYR B 151 30.89 -13.53 -4.45
N PHE B 152 31.76 -12.92 -5.24
CA PHE B 152 31.88 -11.47 -5.28
C PHE B 152 32.52 -11.07 -6.60
N PRO B 153 32.03 -9.99 -7.21
CA PRO B 153 30.85 -9.24 -6.78
C PRO B 153 29.62 -9.79 -7.47
N GLU B 154 28.49 -9.10 -7.35
CA GLU B 154 27.34 -9.38 -8.20
C GLU B 154 27.75 -9.05 -9.64
N PRO B 155 27.05 -9.61 -10.64
CA PRO B 155 25.91 -10.53 -10.57
C PRO B 155 26.28 -11.97 -10.93
N VAL B 156 25.34 -12.86 -10.70
CA VAL B 156 25.42 -14.24 -11.18
C VAL B 156 24.18 -14.47 -12.02
N THR B 157 24.33 -15.14 -13.15
CA THR B 157 23.18 -15.55 -13.94
C THR B 157 22.93 -17.04 -13.71
N VAL B 158 21.66 -17.40 -13.57
CA VAL B 158 21.28 -18.79 -13.39
C VAL B 158 20.15 -19.13 -14.34
N SER B 159 20.32 -20.23 -15.07
CA SER B 159 19.23 -20.79 -15.84
C SER B 159 19.13 -22.27 -15.50
N TRP B 160 18.12 -22.93 -16.05
CA TRP B 160 17.94 -24.35 -15.85
C TRP B 160 17.82 -25.07 -17.17
N ASN B 161 18.44 -26.25 -17.25
CA ASN B 161 18.44 -27.05 -18.46
C ASN B 161 18.77 -26.22 -19.70
N SER B 162 19.79 -25.39 -19.55
CA SER B 162 20.31 -24.55 -20.64
C SER B 162 19.26 -23.64 -21.27
N GLY B 163 18.31 -23.19 -20.47
CA GLY B 163 17.30 -22.26 -20.96
C GLY B 163 15.97 -22.91 -21.30
N ALA B 164 15.97 -24.22 -21.44
CA ALA B 164 14.76 -24.96 -21.79
C ALA B 164 13.75 -25.01 -20.65
N LEU B 165 14.22 -24.83 -19.42
CA LEU B 165 13.30 -24.86 -18.29
C LEU B 165 13.19 -23.49 -17.63
N THR B 166 12.02 -22.88 -17.74
CA THR B 166 11.84 -21.51 -17.24
C THR B 166 10.59 -21.40 -16.37
N SER B 167 9.60 -22.23 -16.67
CA SER B 167 8.36 -22.26 -15.90
C SER B 167 8.57 -22.77 -14.48
N GLY B 168 8.11 -22.00 -13.50
CA GLY B 168 8.19 -22.40 -12.10
C GLY B 168 9.55 -22.16 -11.49
N VAL B 169 10.41 -21.47 -12.24
CA VAL B 169 11.73 -21.13 -11.77
C VAL B 169 11.68 -19.88 -10.88
N HIS B 170 12.34 -19.95 -9.73
CA HIS B 170 12.52 -18.79 -8.88
C HIS B 170 13.98 -18.62 -8.51
N THR B 171 14.60 -17.58 -9.04
CA THR B 171 15.97 -17.23 -8.67
C THR B 171 15.91 -16.03 -7.72
N PHE B 172 16.24 -16.27 -6.46
CA PHE B 172 16.10 -15.24 -5.45
C PHE B 172 17.22 -14.21 -5.58
N PRO B 173 16.90 -12.95 -5.25
CA PRO B 173 17.91 -11.90 -5.12
C PRO B 173 18.99 -12.36 -4.15
N ALA B 174 20.24 -12.05 -4.45
CA ALA B 174 21.35 -12.47 -3.58
C ALA B 174 21.35 -11.69 -2.27
N VAL B 175 21.81 -12.33 -1.21
CA VAL B 175 22.01 -11.61 0.04
C VAL B 175 23.50 -11.46 0.30
N LEU B 176 23.87 -10.38 0.99
CA LEU B 176 25.25 -10.15 1.36
C LEU B 176 25.50 -10.76 2.74
N GLN B 177 26.43 -11.70 2.82
CA GLN B 177 26.79 -12.32 4.08
C GLN B 177 27.77 -11.45 4.84
N SER B 178 28.01 -11.80 6.11
CA SER B 178 28.90 -11.00 6.94
C SER B 178 30.35 -11.07 6.44
N SER B 179 30.65 -12.12 5.68
CA SER B 179 31.95 -12.27 5.06
C SER B 179 32.18 -11.25 3.95
N GLY B 180 31.12 -10.57 3.51
CA GLY B 180 31.22 -9.64 2.40
C GLY B 180 31.06 -10.35 1.06
N LEU B 181 30.71 -11.63 1.12
CA LEU B 181 30.44 -12.40 -0.08
C LEU B 181 28.94 -12.56 -0.23
N TYR B 182 28.48 -12.69 -1.47
CA TYR B 182 27.07 -12.88 -1.72
C TYR B 182 26.73 -14.37 -1.80
N SER B 183 25.43 -14.65 -1.67
CA SER B 183 24.93 -16.00 -1.78
C SER B 183 23.47 -15.93 -2.26
N LEU B 184 23.09 -16.84 -3.15
CA LEU B 184 21.69 -16.95 -3.54
C LEU B 184 21.28 -18.40 -3.79
N SER B 185 19.98 -18.63 -3.85
CA SER B 185 19.47 -19.91 -4.29
C SER B 185 18.54 -19.70 -5.47
N SER B 186 18.46 -20.71 -6.33
CA SER B 186 17.52 -20.73 -7.44
C SER B 186 16.74 -22.02 -7.32
N VAL B 187 15.43 -21.93 -7.32
CA VAL B 187 14.60 -23.13 -7.19
C VAL B 187 13.64 -23.29 -8.36
N VAL B 188 13.15 -24.51 -8.53
CA VAL B 188 12.13 -24.79 -9.54
C VAL B 188 11.23 -25.91 -9.03
N THR B 189 9.95 -25.83 -9.37
CA THR B 189 9.00 -26.89 -9.02
C THR B 189 8.65 -27.67 -10.27
N VAL B 190 8.72 -28.99 -10.16
CA VAL B 190 8.50 -29.88 -11.30
C VAL B 190 7.61 -31.03 -10.85
N PRO B 191 6.96 -31.71 -11.81
CA PRO B 191 6.19 -32.91 -11.43
C PRO B 191 7.13 -33.94 -10.83
N SER B 192 6.75 -34.54 -9.71
CA SER B 192 7.62 -35.52 -9.06
C SER B 192 7.86 -36.76 -9.92
N SER B 193 6.91 -37.10 -10.79
CA SER B 193 7.07 -38.25 -11.67
C SER B 193 8.15 -38.04 -12.73
N SER B 194 8.52 -36.77 -12.95
CA SER B 194 9.54 -36.47 -13.95
C SER B 194 10.96 -36.69 -13.39
N LEU B 195 11.07 -36.83 -12.08
CA LEU B 195 12.38 -36.92 -11.41
C LEU B 195 13.23 -38.10 -11.84
N GLY B 196 12.61 -39.18 -12.28
CA GLY B 196 13.35 -40.37 -12.67
C GLY B 196 13.58 -40.45 -14.16
N THR B 197 13.19 -39.41 -14.89
CA THR B 197 13.21 -39.43 -16.34
C THR B 197 13.94 -38.24 -16.94
N GLN B 198 13.68 -37.06 -16.37
CA GLN B 198 14.24 -35.82 -16.87
C GLN B 198 15.44 -35.42 -16.01
N THR B 199 16.48 -34.90 -16.65
CA THR B 199 17.62 -34.41 -15.89
C THR B 199 17.41 -32.94 -15.55
N TYR B 200 17.84 -32.54 -14.35
CA TYR B 200 17.77 -31.14 -13.97
C TYR B 200 19.15 -30.60 -13.66
N ILE B 201 19.51 -29.55 -14.38
CA ILE B 201 20.83 -28.96 -14.29
C ILE B 201 20.68 -27.45 -14.15
N CYS B 202 21.19 -26.88 -13.06
CA CYS B 202 21.22 -25.43 -12.97
C CYS B 202 22.52 -24.93 -13.60
N ASN B 203 22.38 -24.03 -14.57
CA ASN B 203 23.53 -23.45 -15.26
C ASN B 203 23.93 -22.15 -14.59
N VAL B 204 25.11 -22.14 -13.99
CA VAL B 204 25.56 -20.97 -13.24
C VAL B 204 26.71 -20.28 -13.96
N ASN B 205 26.59 -18.97 -14.13
CA ASN B 205 27.63 -18.18 -14.76
C ASN B 205 27.96 -16.97 -13.91
N HIS B 206 29.17 -16.94 -13.37
CA HIS B 206 29.64 -15.77 -12.64
C HIS B 206 30.69 -15.06 -13.47
N LYS B 207 30.23 -14.20 -14.37
CA LYS B 207 31.11 -13.52 -15.32
C LYS B 207 32.36 -12.83 -14.72
N PRO B 208 32.20 -12.07 -13.61
CA PRO B 208 33.37 -11.39 -13.04
C PRO B 208 34.58 -12.28 -12.75
N SER B 209 34.35 -13.56 -12.47
CA SER B 209 35.45 -14.46 -12.15
C SER B 209 35.63 -15.51 -13.23
N ASN B 210 34.88 -15.36 -14.32
CA ASN B 210 34.91 -16.32 -15.42
C ASN B 210 34.62 -17.74 -14.93
N THR B 211 33.62 -17.86 -14.04
CA THR B 211 33.26 -19.15 -13.48
C THR B 211 31.93 -19.64 -14.03
N LYS B 212 31.96 -20.79 -14.68
CA LYS B 212 30.75 -21.42 -15.21
C LYS B 212 30.63 -22.83 -14.67
N VAL B 213 29.51 -23.13 -14.02
CA VAL B 213 29.26 -24.47 -13.50
C VAL B 213 27.88 -24.95 -13.92
N ASP B 214 27.83 -26.18 -14.43
CA ASP B 214 26.56 -26.87 -14.63
C ASP B 214 26.39 -27.87 -13.50
N LYS B 215 25.42 -27.63 -12.63
CA LYS B 215 25.19 -28.50 -11.49
C LYS B 215 23.96 -29.36 -11.69
N ARG B 216 24.16 -30.67 -11.81
CA ARG B 216 23.07 -31.62 -11.87
C ARG B 216 22.47 -31.79 -10.47
N VAL B 217 21.14 -31.76 -10.38
CA VAL B 217 20.49 -31.93 -9.09
C VAL B 217 19.57 -33.15 -9.10
N GLU B 218 19.80 -34.08 -8.17
CA GLU B 218 19.07 -35.34 -8.14
C GLU B 218 18.50 -35.61 -6.76
N PRO B 219 17.45 -36.45 -6.68
CA PRO B 219 16.98 -36.91 -5.37
C PRO B 219 18.13 -37.62 -4.66
N LYS B 220 18.31 -37.39 -3.36
CA LYS B 220 19.42 -38.00 -2.65
C LYS B 220 19.19 -39.49 -2.43
N SER B 221 20.27 -40.24 -2.25
CA SER B 221 20.20 -41.68 -2.05
C SER B 221 19.44 -42.03 -0.77
N ASP C 1 -22.44 16.22 -17.29
CA ASP C 1 -21.77 16.88 -16.19
C ASP C 1 -20.25 16.70 -16.27
N ILE C 2 -19.51 17.55 -15.58
CA ILE C 2 -18.06 17.43 -15.53
C ILE C 2 -17.63 16.27 -14.64
N LEU C 3 -16.82 15.37 -15.18
CA LEU C 3 -16.27 14.28 -14.39
C LEU C 3 -14.89 14.68 -13.84
N LEU C 4 -14.73 14.55 -12.53
CA LEU C 4 -13.44 14.82 -11.89
C LEU C 4 -12.78 13.52 -11.48
N THR C 5 -11.56 13.31 -11.97
CA THR C 5 -10.82 12.10 -11.62
C THR C 5 -9.69 12.45 -10.69
N GLN C 6 -9.76 11.95 -9.46
CA GLN C 6 -8.68 12.13 -8.51
C GLN C 6 -7.76 10.92 -8.51
N SER C 7 -6.49 11.16 -8.25
CA SER C 7 -5.51 10.08 -8.16
C SER C 7 -4.38 10.50 -7.24
N PRO C 8 -3.77 9.52 -6.53
CA PRO C 8 -4.18 8.12 -6.53
C PRO C 8 -5.42 7.93 -5.66
N VAL C 9 -5.99 6.73 -5.66
CA VAL C 9 -7.13 6.44 -4.81
C VAL C 9 -6.69 6.51 -3.36
N ILE C 10 -5.50 5.98 -3.11
CA ILE C 10 -4.92 5.98 -1.78
C ILE C 10 -3.49 6.49 -1.85
N LEU C 11 -3.22 7.55 -1.09
CA LEU C 11 -1.91 8.18 -1.08
C LEU C 11 -1.19 7.89 0.25
N SER C 12 -0.14 7.09 0.19
CA SER C 12 0.63 6.74 1.37
C SER C 12 1.95 7.50 1.40
N VAL C 13 2.25 8.14 2.54
CA VAL C 13 3.32 9.13 2.62
C VAL C 13 4.03 9.08 3.97
N SER C 14 5.33 9.41 3.98
CA SER C 14 6.06 9.58 5.24
C SER C 14 5.91 11.00 5.79
N PRO C 15 5.93 11.14 7.12
CA PRO C 15 5.79 12.47 7.76
C PRO C 15 6.90 13.42 7.35
N GLY C 16 6.56 14.68 7.11
CA GLY C 16 7.56 15.67 6.72
C GLY C 16 7.70 15.82 5.23
N GLU C 17 7.28 14.81 4.48
CA GLU C 17 7.33 14.86 3.03
C GLU C 17 6.31 15.84 2.47
N ARG C 18 6.59 16.35 1.27
CA ARG C 18 5.60 17.13 0.54
C ARG C 18 4.62 16.17 -0.13
N VAL C 19 3.34 16.49 -0.06
CA VAL C 19 2.28 15.64 -0.58
C VAL C 19 1.50 16.37 -1.66
N SER C 20 1.25 15.70 -2.78
CA SER C 20 0.43 16.32 -3.83
C SER C 20 -0.72 15.41 -4.28
N PHE C 21 -1.93 15.95 -4.23
CA PHE C 21 -3.11 15.25 -4.70
C PHE C 21 -3.44 15.71 -6.11
N SER C 22 -3.79 14.78 -6.97
CA SER C 22 -4.10 15.10 -8.36
C SER C 22 -5.61 15.04 -8.59
N CYS C 23 -6.14 16.05 -9.28
CA CYS C 23 -7.53 16.09 -9.71
C CYS C 23 -7.55 16.49 -11.18
N ARG C 24 -8.21 15.67 -12.00
CA ARG C 24 -8.23 15.91 -13.44
C ARG C 24 -9.66 16.05 -13.93
N ALA C 25 -9.94 17.14 -14.63
CA ALA C 25 -11.28 17.41 -15.13
C ALA C 25 -11.49 16.82 -16.52
N SER C 26 -12.72 16.44 -16.83
CA SER C 26 -13.04 15.84 -18.12
C SER C 26 -13.03 16.87 -19.25
N GLN C 27 -12.91 18.14 -18.88
CA GLN C 27 -12.72 19.22 -19.84
C GLN C 27 -12.25 20.47 -19.11
N SER C 28 -11.85 21.49 -19.86
CA SER C 28 -11.32 22.70 -19.26
C SER C 28 -12.33 23.40 -18.37
N ILE C 29 -11.87 23.83 -17.20
CA ILE C 29 -12.71 24.53 -16.24
C ILE C 29 -11.99 25.74 -15.67
N GLY C 30 -11.03 26.27 -16.42
CA GLY C 30 -10.24 27.42 -15.99
C GLY C 30 -9.56 27.14 -14.66
N THR C 31 -9.92 27.92 -13.64
CA THR C 31 -9.41 27.68 -12.29
C THR C 31 -10.55 27.50 -11.31
N ASN C 32 -11.72 27.09 -11.81
CA ASN C 32 -12.89 26.92 -10.96
C ASN C 32 -12.89 25.59 -10.21
N ILE C 33 -11.93 25.43 -9.31
CA ILE C 33 -11.87 24.21 -8.52
C ILE C 33 -11.63 24.53 -7.04
N HIS C 34 -12.32 23.80 -6.17
CA HIS C 34 -12.17 23.97 -4.72
C HIS C 34 -11.79 22.64 -4.06
N TRP C 35 -10.99 22.69 -3.00
CA TRP C 35 -10.56 21.48 -2.33
C TRP C 35 -11.11 21.40 -0.91
N TYR C 36 -11.46 20.19 -0.48
CA TYR C 36 -12.03 19.95 0.84
C TYR C 36 -11.28 18.86 1.57
N GLN C 37 -11.26 18.97 2.89
CA GLN C 37 -10.72 17.93 3.74
C GLN C 37 -11.87 17.30 4.50
N GLN C 38 -11.83 15.99 4.67
CA GLN C 38 -12.82 15.34 5.52
C GLN C 38 -12.14 14.38 6.49
N ARG C 39 -12.23 14.70 7.77
CA ARG C 39 -11.69 13.86 8.82
C ARG C 39 -12.74 12.86 9.28
N THR C 40 -12.28 11.84 10.00
CA THR C 40 -13.17 10.81 10.54
C THR C 40 -14.32 11.42 11.33
N ASN C 41 -15.54 11.04 10.95
CA ASN C 41 -16.78 11.56 11.54
C ASN C 41 -17.00 13.06 11.34
N GLY C 42 -16.21 13.67 10.45
CA GLY C 42 -16.36 15.09 10.19
C GLY C 42 -17.18 15.41 8.96
N SER C 43 -17.58 16.67 8.86
CA SER C 43 -18.18 17.20 7.65
C SER C 43 -17.02 17.76 6.85
N PRO C 44 -17.18 17.90 5.52
CA PRO C 44 -16.09 18.46 4.71
C PRO C 44 -15.63 19.83 5.22
N ARG C 45 -14.33 20.08 5.13
CA ARG C 45 -13.77 21.40 5.49
C ARG C 45 -13.11 22.03 4.28
N LEU C 46 -13.51 23.25 3.94
CA LEU C 46 -12.97 23.95 2.78
C LEU C 46 -11.52 24.35 3.02
N LEU C 47 -10.63 23.94 2.10
CA LEU C 47 -9.20 24.22 2.26
C LEU C 47 -8.70 25.32 1.30
N ILE C 48 -9.11 25.22 0.04
CA ILE C 48 -8.61 26.07 -1.03
C ILE C 48 -9.77 26.40 -1.96
N LYS C 49 -9.84 27.64 -2.43
CA LYS C 49 -10.87 27.99 -3.40
C LYS C 49 -10.23 28.49 -4.70
N TYR C 50 -10.91 28.25 -5.82
CA TYR C 50 -10.46 28.70 -7.13
C TYR C 50 -9.01 28.32 -7.41
N ALA C 51 -8.71 27.03 -7.21
CA ALA C 51 -7.40 26.42 -7.48
C ALA C 51 -6.26 26.80 -6.53
N SER C 52 -6.14 28.07 -6.20
CA SER C 52 -4.94 28.54 -5.50
C SER C 52 -5.19 29.50 -4.34
N GLU C 53 -6.45 29.86 -4.10
CA GLU C 53 -6.75 30.92 -3.14
C GLU C 53 -6.95 30.39 -1.73
N SER C 54 -6.29 31.03 -0.77
CA SER C 54 -6.28 30.54 0.61
C SER C 54 -7.57 30.83 1.35
N ILE C 55 -7.83 30.03 2.37
CA ILE C 55 -9.06 30.15 3.16
C ILE C 55 -8.68 30.52 4.58
N SER C 56 -9.48 31.39 5.19
CA SER C 56 -9.21 31.84 6.55
C SER C 56 -9.26 30.71 7.56
N GLY C 57 -8.16 30.52 8.29
CA GLY C 57 -8.11 29.52 9.34
C GLY C 57 -7.40 28.25 8.92
N ILE C 58 -7.12 28.13 7.64
CA ILE C 58 -6.43 26.95 7.12
C ILE C 58 -4.93 27.16 7.22
N PRO C 59 -4.21 26.17 7.79
CA PRO C 59 -2.75 26.21 7.93
C PRO C 59 -2.05 26.55 6.62
N SER C 60 -0.93 27.26 6.72
CA SER C 60 -0.17 27.71 5.56
C SER C 60 0.38 26.56 4.73
N ARG C 61 0.53 25.38 5.33
CA ARG C 61 1.15 24.26 4.64
C ARG C 61 0.30 23.77 3.48
N PHE C 62 -0.99 24.11 3.51
CA PHE C 62 -1.90 23.79 2.41
C PHE C 62 -1.78 24.84 1.31
N SER C 63 -1.66 24.38 0.08
CA SER C 63 -1.73 25.26 -1.09
C SER C 63 -2.26 24.47 -2.28
N GLY C 64 -2.59 25.17 -3.35
CA GLY C 64 -3.11 24.51 -4.54
C GLY C 64 -2.69 25.21 -5.83
N SER C 65 -2.59 24.46 -6.92
CA SER C 65 -2.22 25.05 -8.20
C SER C 65 -2.93 24.35 -9.37
N GLY C 66 -2.81 24.93 -10.55
CA GLY C 66 -3.37 24.33 -11.75
C GLY C 66 -4.35 25.20 -12.52
N SER C 67 -4.48 24.91 -13.80
CA SER C 67 -5.41 25.61 -14.69
C SER C 67 -5.84 24.68 -15.82
N GLY C 68 -7.06 24.86 -16.30
CA GLY C 68 -7.56 24.06 -17.41
C GLY C 68 -8.19 22.75 -16.95
N THR C 69 -7.40 21.68 -16.98
CA THR C 69 -7.92 20.36 -16.64
C THR C 69 -7.17 19.67 -15.51
N ASP C 70 -5.90 20.02 -15.32
CA ASP C 70 -5.07 19.38 -14.31
C ASP C 70 -4.88 20.26 -13.07
N PHE C 71 -5.23 19.73 -11.90
CA PHE C 71 -5.16 20.52 -10.68
C PHE C 71 -4.44 19.77 -9.56
N THR C 72 -3.85 20.51 -8.64
CA THR C 72 -3.03 19.92 -7.59
C THR C 72 -3.24 20.56 -6.23
N LEU C 73 -3.55 19.73 -5.23
CA LEU C 73 -3.55 20.17 -3.85
C LEU C 73 -2.25 19.70 -3.21
N SER C 74 -1.54 20.62 -2.56
CA SER C 74 -0.25 20.27 -1.98
C SER C 74 -0.19 20.54 -0.49
N ILE C 75 0.51 19.66 0.22
CA ILE C 75 0.89 19.89 1.60
C ILE C 75 2.40 19.82 1.67
N ASN C 76 3.04 20.93 2.03
CA ASN C 76 4.51 20.99 1.96
C ASN C 76 5.23 20.11 2.96
N SER C 77 4.64 19.92 4.13
CA SER C 77 5.22 19.06 5.17
C SER C 77 4.10 18.36 5.93
N VAL C 78 3.76 17.16 5.47
CA VAL C 78 2.58 16.45 5.96
C VAL C 78 2.74 16.01 7.42
N GLU C 79 1.63 16.05 8.16
CA GLU C 79 1.62 15.64 9.56
C GLU C 79 0.51 14.61 9.79
N SER C 80 0.58 13.90 10.90
CA SER C 80 -0.41 12.89 11.22
C SER C 80 -1.83 13.47 11.32
N GLU C 81 -1.94 14.72 11.73
CA GLU C 81 -3.24 15.39 11.82
C GLU C 81 -3.83 15.72 10.44
N ASP C 82 -3.07 15.44 9.39
CA ASP C 82 -3.57 15.64 8.02
C ASP C 82 -4.19 14.34 7.48
N ILE C 83 -4.07 13.26 8.24
CA ILE C 83 -4.75 12.01 7.90
C ILE C 83 -6.24 12.29 7.73
N ALA C 84 -6.72 12.14 6.49
CA ALA C 84 -8.08 12.46 6.13
C ALA C 84 -8.31 12.07 4.69
N ASP C 85 -9.53 12.28 4.22
CA ASP C 85 -9.84 12.16 2.80
C ASP C 85 -9.90 13.56 2.23
N TYR C 86 -9.60 13.67 0.94
CA TYR C 86 -9.49 14.97 0.28
C TYR C 86 -10.27 14.97 -1.02
N TYR C 87 -11.11 15.98 -1.20
CA TYR C 87 -12.00 16.04 -2.36
C TYR C 87 -11.80 17.31 -3.17
N CYS C 88 -11.92 17.19 -4.48
CA CYS C 88 -11.96 18.37 -5.34
C CYS C 88 -13.38 18.62 -5.83
N GLN C 89 -13.69 19.88 -6.14
CA GLN C 89 -15.03 20.26 -6.59
C GLN C 89 -14.87 21.24 -7.74
N GLN C 90 -15.62 21.02 -8.82
CA GLN C 90 -15.62 21.98 -9.92
C GLN C 90 -16.91 22.78 -9.92
N ASN C 91 -16.84 24.02 -10.38
CA ASN C 91 -18.05 24.80 -10.58
C ASN C 91 -17.95 25.77 -11.76
N ASN C 92 -17.28 25.33 -12.82
CA ASN C 92 -17.30 26.08 -14.06
C ASN C 92 -18.56 25.74 -14.86
N ASN C 93 -19.04 24.51 -14.67
CA ASN C 93 -20.22 24.04 -15.38
C ASN C 93 -21.30 23.49 -14.43
N TRP C 94 -22.52 23.94 -14.62
CA TRP C 94 -23.64 23.46 -13.82
C TRP C 94 -23.97 22.03 -14.24
N PRO C 95 -24.22 21.14 -13.27
CA PRO C 95 -24.17 21.40 -11.82
C PRO C 95 -22.76 21.21 -11.27
N THR C 96 -22.47 21.85 -10.14
CA THR C 96 -21.20 21.62 -9.45
C THR C 96 -21.10 20.14 -9.11
N THR C 97 -19.90 19.58 -9.30
CA THR C 97 -19.67 18.16 -9.04
C THR C 97 -18.39 17.99 -8.23
N PHE C 98 -18.23 16.80 -7.67
CA PHE C 98 -17.06 16.50 -6.84
C PHE C 98 -16.33 15.28 -7.38
N GLY C 99 -15.03 15.19 -7.09
CA GLY C 99 -14.28 13.99 -7.38
C GLY C 99 -14.58 12.90 -6.36
N ALA C 100 -14.08 11.69 -6.61
CA ALA C 100 -14.38 10.54 -5.78
C ALA C 100 -13.51 10.47 -4.51
N GLY C 101 -12.50 11.33 -4.44
CA GLY C 101 -11.69 11.45 -3.26
C GLY C 101 -10.38 10.66 -3.26
N THR C 102 -9.42 11.16 -2.50
CA THR C 102 -8.16 10.47 -2.27
C THR C 102 -7.95 10.31 -0.77
N LYS C 103 -7.62 9.10 -0.35
CA LYS C 103 -7.36 8.82 1.05
C LYS C 103 -5.89 9.02 1.37
N LEU C 104 -5.61 9.87 2.35
CA LEU C 104 -4.23 10.12 2.77
C LEU C 104 -3.83 9.23 3.95
N GLU C 105 -2.94 8.27 3.68
CA GLU C 105 -2.40 7.40 4.72
C GLU C 105 -1.00 7.84 5.09
N LEU C 106 -0.64 7.70 6.35
CA LEU C 106 0.71 8.00 6.79
C LEU C 106 1.51 6.76 7.16
N LYS C 107 2.79 6.78 6.82
CA LYS C 107 3.70 5.70 7.15
C LYS C 107 4.36 6.00 8.48
N ARG C 108 4.62 4.95 9.26
CA ARG C 108 5.35 5.08 10.51
C ARG C 108 6.07 3.76 10.77
N THR C 109 6.78 3.67 11.89
CA THR C 109 7.49 2.45 12.23
C THR C 109 6.51 1.36 12.66
N VAL C 110 6.90 0.11 12.42
CA VAL C 110 6.13 -1.03 12.88
C VAL C 110 5.94 -0.95 14.39
N ALA C 111 4.70 -1.21 14.84
CA ALA C 111 4.41 -1.27 16.26
C ALA C 111 3.46 -2.44 16.56
N ALA C 112 3.90 -3.33 17.44
CA ALA C 112 3.09 -4.48 17.82
C ALA C 112 1.86 -4.01 18.59
N PRO C 113 0.75 -4.74 18.45
CA PRO C 113 -0.47 -4.38 19.19
C PRO C 113 -0.40 -4.84 20.64
N SER C 114 -1.10 -4.13 21.52
CA SER C 114 -1.33 -4.61 22.87
C SER C 114 -2.65 -5.33 22.87
N VAL C 115 -2.68 -6.54 23.42
CA VAL C 115 -3.86 -7.39 23.34
C VAL C 115 -4.60 -7.48 24.67
N PHE C 116 -5.93 -7.45 24.60
CA PHE C 116 -6.78 -7.54 25.78
C PHE C 116 -7.97 -8.41 25.44
N ILE C 117 -8.42 -9.23 26.37
CA ILE C 117 -9.61 -10.06 26.15
C ILE C 117 -10.68 -9.74 27.19
N PHE C 118 -11.94 -9.75 26.76
CA PHE C 118 -13.05 -9.45 27.65
C PHE C 118 -14.10 -10.55 27.60
N PRO C 119 -14.33 -11.21 28.74
CA PRO C 119 -15.40 -12.21 28.84
C PRO C 119 -16.74 -11.53 28.66
N PRO C 120 -17.78 -12.30 28.30
CA PRO C 120 -19.12 -11.72 28.26
C PRO C 120 -19.58 -11.34 29.67
N SER C 121 -20.46 -10.36 29.77
CA SER C 121 -20.98 -9.94 31.06
C SER C 121 -22.08 -10.91 31.47
N ASP C 122 -22.33 -11.00 32.77
CA ASP C 122 -23.43 -11.82 33.26
C ASP C 122 -24.75 -11.26 32.73
N GLU C 123 -24.82 -9.93 32.60
CA GLU C 123 -26.01 -9.26 32.09
C GLU C 123 -26.40 -9.76 30.71
N GLN C 124 -25.43 -9.86 29.81
CA GLN C 124 -25.72 -10.29 28.45
C GLN C 124 -26.18 -11.75 28.41
N LEU C 125 -25.57 -12.59 29.25
CA LEU C 125 -25.91 -14.02 29.28
C LEU C 125 -27.41 -14.25 29.52
N LYS C 126 -28.03 -13.35 30.27
CA LYS C 126 -29.47 -13.40 30.49
C LYS C 126 -30.26 -13.29 29.17
N SER C 127 -29.63 -12.73 28.15
CA SER C 127 -30.28 -12.56 26.86
C SER C 127 -30.12 -13.80 25.98
N GLY C 128 -29.34 -14.77 26.46
CA GLY C 128 -29.17 -16.03 25.76
C GLY C 128 -28.01 -16.04 24.78
N THR C 129 -27.19 -14.99 24.83
CA THR C 129 -26.08 -14.81 23.91
C THR C 129 -24.83 -14.34 24.64
N ALA C 130 -23.67 -14.81 24.19
CA ALA C 130 -22.41 -14.39 24.77
C ALA C 130 -21.51 -13.77 23.71
N SER C 131 -21.06 -12.54 23.96
CA SER C 131 -20.06 -11.90 23.10
C SER C 131 -18.71 -11.91 23.80
N VAL C 132 -17.70 -12.41 23.12
CA VAL C 132 -16.35 -12.38 23.64
C VAL C 132 -15.52 -11.46 22.76
N VAL C 133 -14.81 -10.52 23.39
CA VAL C 133 -14.16 -9.46 22.65
C VAL C 133 -12.67 -9.48 22.85
N CYS C 134 -11.93 -9.32 21.75
CA CYS C 134 -10.48 -9.22 21.79
C CYS C 134 -10.12 -7.85 21.27
N LEU C 135 -9.32 -7.11 22.04
CA LEU C 135 -8.86 -5.79 21.63
C LEU C 135 -7.39 -5.80 21.26
N LEU C 136 -7.08 -5.36 20.05
CA LEU C 136 -5.71 -5.16 19.62
C LEU C 136 -5.48 -3.66 19.54
N ASN C 137 -4.64 -3.12 20.42
CA ASN C 137 -4.53 -1.68 20.56
C ASN C 137 -3.26 -1.06 19.97
N ASN C 138 -3.44 0.06 19.28
CA ASN C 138 -2.34 0.91 18.83
C ASN C 138 -1.20 0.22 18.08
N PHE C 139 -1.49 -0.29 16.89
CA PHE C 139 -0.48 -1.03 16.12
C PHE C 139 -0.36 -0.51 14.70
N TYR C 140 0.72 -0.90 14.04
CA TYR C 140 0.98 -0.54 12.66
C TYR C 140 1.96 -1.56 12.10
N PRO C 141 1.72 -2.06 10.88
CA PRO C 141 0.65 -1.65 9.94
C PRO C 141 -0.72 -2.23 10.24
N ARG C 142 -1.68 -1.91 9.38
CA ARG C 142 -3.08 -2.25 9.55
C ARG C 142 -3.38 -3.75 9.59
N GLU C 143 -2.65 -4.54 8.81
CA GLU C 143 -2.96 -5.96 8.72
C GLU C 143 -2.57 -6.74 9.99
N ALA C 144 -3.56 -7.43 10.55
CA ALA C 144 -3.36 -8.26 11.73
C ALA C 144 -4.35 -9.40 11.69
N LYS C 145 -3.97 -10.54 12.27
CA LYS C 145 -4.84 -11.69 12.27
C LYS C 145 -5.22 -12.15 13.68
N VAL C 146 -6.52 -12.35 13.88
CA VAL C 146 -7.03 -12.80 15.16
C VAL C 146 -7.69 -14.15 15.01
N GLN C 147 -7.23 -15.12 15.79
CA GLN C 147 -7.87 -16.44 15.80
C GLN C 147 -8.45 -16.70 17.18
N TRP C 148 -9.71 -17.15 17.19
CA TRP C 148 -10.36 -17.56 18.43
C TRP C 148 -10.23 -19.06 18.59
N LYS C 149 -9.86 -19.49 19.79
CA LYS C 149 -9.85 -20.91 20.10
C LYS C 149 -10.59 -21.16 21.41
N VAL C 150 -11.53 -22.11 21.38
CA VAL C 150 -12.33 -22.45 22.53
C VAL C 150 -12.13 -23.93 22.88
N ASP C 151 -11.56 -24.19 24.05
CA ASP C 151 -11.07 -25.52 24.42
C ASP C 151 -10.19 -26.09 23.31
N ASN C 152 -9.32 -25.23 22.77
CA ASN C 152 -8.36 -25.60 21.73
C ASN C 152 -8.96 -25.93 20.35
N ALA C 153 -10.23 -25.59 20.16
CA ALA C 153 -10.85 -25.72 18.84
C ALA C 153 -10.87 -24.36 18.14
N LEU C 154 -10.38 -24.32 16.91
CA LEU C 154 -10.39 -23.08 16.12
C LEU C 154 -11.82 -22.69 15.76
N GLN C 155 -12.21 -21.46 16.09
CA GLN C 155 -13.53 -20.96 15.72
C GLN C 155 -13.49 -20.42 14.30
N SER C 156 -14.56 -20.66 13.56
CA SER C 156 -14.67 -20.16 12.20
C SER C 156 -16.10 -19.77 11.87
N GLY C 157 -16.29 -18.53 11.42
CA GLY C 157 -17.58 -18.09 10.93
C GLY C 157 -18.43 -17.41 11.97
N ASN C 158 -17.93 -17.34 13.21
CA ASN C 158 -18.66 -16.69 14.30
C ASN C 158 -17.92 -15.51 14.91
N SER C 159 -17.04 -14.87 14.14
CA SER C 159 -16.38 -13.66 14.60
C SER C 159 -16.50 -12.53 13.58
N GLN C 160 -16.48 -11.30 14.09
CA GLN C 160 -16.50 -10.12 13.25
C GLN C 160 -15.49 -9.11 13.75
N GLU C 161 -14.72 -8.54 12.84
CA GLU C 161 -13.70 -7.57 13.22
C GLU C 161 -14.12 -6.18 12.78
N SER C 162 -13.62 -5.18 13.49
CA SER C 162 -13.78 -3.79 13.10
C SER C 162 -12.45 -3.09 13.35
N VAL C 163 -12.04 -2.23 12.43
CA VAL C 163 -10.76 -1.51 12.56
C VAL C 163 -11.00 0.00 12.53
N THR C 164 -10.31 0.72 13.41
CA THR C 164 -10.44 2.18 13.41
C THR C 164 -9.71 2.79 12.22
N GLU C 165 -10.00 4.04 11.92
CA GLU C 165 -9.19 4.76 10.95
C GLU C 165 -7.85 5.09 11.59
N GLN C 166 -6.88 5.47 10.77
CA GLN C 166 -5.55 5.76 11.28
C GLN C 166 -5.58 6.91 12.27
N ASP C 167 -4.98 6.68 13.45
CA ASP C 167 -5.01 7.66 14.52
C ASP C 167 -4.21 8.91 14.15
N SER C 168 -4.84 10.07 14.23
CA SER C 168 -4.22 11.31 13.77
C SER C 168 -3.12 11.81 14.68
N LYS C 169 -2.87 11.12 15.78
CA LYS C 169 -1.79 11.49 16.69
C LYS C 169 -0.54 10.63 16.50
N ASP C 170 -0.71 9.30 16.50
CA ASP C 170 0.43 8.40 16.42
C ASP C 170 0.46 7.54 15.14
N SER C 171 -0.52 7.73 14.27
CA SER C 171 -0.64 6.99 13.01
C SER C 171 -0.84 5.47 13.18
N THR C 172 -1.25 5.03 14.36
CA THR C 172 -1.53 3.61 14.58
C THR C 172 -3.00 3.27 14.35
N TYR C 173 -3.30 1.98 14.36
CA TYR C 173 -4.66 1.49 14.28
C TYR C 173 -5.02 0.73 15.56
N SER C 174 -6.31 0.53 15.78
CA SER C 174 -6.76 -0.46 16.75
C SER C 174 -7.83 -1.34 16.10
N LEU C 175 -7.97 -2.56 16.61
CA LEU C 175 -8.90 -3.52 16.05
C LEU C 175 -9.65 -4.23 17.18
N SER C 176 -10.93 -4.47 16.97
CA SER C 176 -11.70 -5.31 17.87
C SER C 176 -12.22 -6.52 17.13
N SER C 177 -12.04 -7.69 17.71
CA SER C 177 -12.63 -8.91 17.19
C SER C 177 -13.68 -9.40 18.19
N THR C 178 -14.90 -9.60 17.70
CA THR C 178 -15.99 -10.06 18.54
C THR C 178 -16.42 -11.47 18.16
N LEU C 179 -16.26 -12.40 19.10
CA LEU C 179 -16.74 -13.77 18.95
C LEU C 179 -18.13 -13.92 19.57
N THR C 180 -19.10 -14.36 18.77
CA THR C 180 -20.47 -14.46 19.23
C THR C 180 -20.90 -15.92 19.37
N LEU C 181 -21.34 -16.28 20.57
CA LEU C 181 -21.77 -17.64 20.88
C LEU C 181 -23.15 -17.63 21.51
N SER C 182 -23.87 -18.74 21.40
CA SER C 182 -25.08 -18.91 22.18
C SER C 182 -24.66 -19.08 23.63
N LYS C 183 -25.56 -18.80 24.56
CA LYS C 183 -25.26 -19.03 25.97
C LYS C 183 -24.93 -20.51 26.21
N ALA C 184 -25.71 -21.39 25.60
CA ALA C 184 -25.51 -22.82 25.75
C ALA C 184 -24.11 -23.26 25.31
N ASP C 185 -23.68 -22.78 24.14
CA ASP C 185 -22.33 -23.07 23.67
C ASP C 185 -21.29 -22.53 24.63
N TYR C 186 -21.45 -21.28 25.04
CA TYR C 186 -20.51 -20.64 25.95
C TYR C 186 -20.38 -21.40 27.26
N GLU C 187 -21.50 -21.87 27.80
CA GLU C 187 -21.49 -22.59 29.07
C GLU C 187 -20.92 -24.01 28.95
N LYS C 188 -20.80 -24.51 27.73
CA LYS C 188 -20.32 -25.88 27.53
C LYS C 188 -18.81 -25.96 27.42
N HIS C 189 -18.14 -24.81 27.49
CA HIS C 189 -16.71 -24.78 27.27
C HIS C 189 -15.98 -23.96 28.32
N LYS C 190 -14.67 -24.13 28.39
CA LYS C 190 -13.91 -23.61 29.51
C LYS C 190 -12.90 -22.53 29.12
N VAL C 191 -11.98 -22.88 28.23
CA VAL C 191 -10.86 -22.00 27.90
C VAL C 191 -11.14 -21.13 26.69
N TYR C 192 -11.14 -19.82 26.90
CA TYR C 192 -11.41 -18.89 25.82
C TYR C 192 -10.16 -18.07 25.51
N ALA C 193 -9.72 -18.11 24.26
CA ALA C 193 -8.45 -17.48 23.88
C ALA C 193 -8.52 -16.79 22.53
N CYS C 194 -7.90 -15.64 22.42
CA CYS C 194 -7.66 -15.05 21.11
C CYS C 194 -6.17 -15.01 20.86
N GLU C 195 -5.77 -15.45 19.67
CA GLU C 195 -4.36 -15.56 19.33
C GLU C 195 -4.09 -14.58 18.21
N VAL C 196 -3.08 -13.73 18.41
CA VAL C 196 -2.85 -12.62 17.49
C VAL C 196 -1.52 -12.73 16.78
N THR C 197 -1.55 -12.59 15.46
CA THR C 197 -0.33 -12.49 14.67
C THR C 197 -0.28 -11.12 14.00
N HIS C 198 0.93 -10.63 13.76
CA HIS C 198 1.14 -9.28 13.24
C HIS C 198 2.62 -9.13 12.88
N GLN C 199 2.92 -8.24 11.94
CA GLN C 199 4.30 -8.04 11.48
C GLN C 199 5.25 -7.69 12.63
N GLY C 200 4.73 -6.98 13.63
CA GLY C 200 5.53 -6.57 14.77
C GLY C 200 5.74 -7.64 15.83
N LEU C 201 5.14 -8.80 15.62
CA LEU C 201 5.27 -9.91 16.57
C LEU C 201 6.05 -11.08 15.99
N SER C 202 7.22 -11.35 16.57
CA SER C 202 8.06 -12.45 16.12
C SER C 202 7.39 -13.79 16.32
N SER C 203 6.54 -13.87 17.35
CA SER C 203 5.75 -15.08 17.62
C SER C 203 4.36 -14.66 18.11
N PRO C 204 3.35 -15.54 17.95
CA PRO C 204 1.96 -15.10 18.23
C PRO C 204 1.74 -14.73 19.68
N VAL C 205 0.79 -13.83 19.92
CA VAL C 205 0.44 -13.45 21.29
C VAL C 205 -0.94 -13.99 21.65
N THR C 206 -1.02 -14.73 22.75
CA THR C 206 -2.29 -15.28 23.20
C THR C 206 -2.76 -14.65 24.50
N LYS C 207 -4.02 -14.21 24.52
CA LYS C 207 -4.66 -13.78 25.76
C LYS C 207 -5.85 -14.70 25.96
N SER C 208 -6.09 -15.09 27.21
CA SER C 208 -7.13 -16.06 27.47
C SER C 208 -7.75 -15.92 28.86
N PHE C 209 -8.92 -16.50 29.03
CA PHE C 209 -9.53 -16.62 30.34
C PHE C 209 -10.29 -17.95 30.44
N ASN C 210 -10.45 -18.44 31.66
CA ASN C 210 -11.33 -19.59 31.90
C ASN C 210 -12.69 -19.10 32.34
N ARG C 211 -13.75 -19.59 31.70
CA ARG C 211 -15.11 -19.21 32.08
C ARG C 211 -15.35 -19.55 33.55
N GLY C 212 -15.74 -18.54 34.33
CA GLY C 212 -16.05 -18.75 35.74
C GLY C 212 -14.82 -18.69 36.63
N GLU C 213 -13.74 -18.09 36.12
CA GLU C 213 -12.52 -17.96 36.92
C GLU C 213 -12.61 -16.74 37.82
N GLN D 1 -20.56 33.96 14.85
CA GLN D 1 -20.28 32.53 14.71
C GLN D 1 -21.29 31.86 13.78
N VAL D 2 -20.90 31.67 12.52
CA VAL D 2 -21.75 31.00 11.53
C VAL D 2 -21.87 29.51 11.79
N GLN D 3 -23.11 29.03 11.95
CA GLN D 3 -23.36 27.62 12.19
C GLN D 3 -24.64 27.13 11.54
N LEU D 4 -24.60 25.88 11.07
CA LEU D 4 -25.79 25.22 10.55
C LEU D 4 -26.01 23.94 11.34
N LYS D 5 -27.17 23.83 11.99
CA LYS D 5 -27.46 22.67 12.81
C LYS D 5 -28.66 21.91 12.26
N GLN D 6 -28.45 20.64 11.95
CA GLN D 6 -29.45 19.82 11.29
C GLN D 6 -30.20 18.93 12.28
N SER D 7 -31.44 18.59 11.92
CA SER D 7 -32.24 17.64 12.70
C SER D 7 -31.59 16.26 12.69
N GLY D 8 -32.03 15.39 13.60
CA GLY D 8 -31.36 14.14 13.88
C GLY D 8 -31.42 13.07 12.81
N PRO D 9 -30.63 12.01 12.97
CA PRO D 9 -30.59 10.90 12.03
C PRO D 9 -31.84 10.04 12.18
N GLY D 10 -32.17 9.24 11.18
CA GLY D 10 -33.37 8.45 11.24
C GLY D 10 -33.59 7.49 10.09
N LEU D 11 -34.63 6.67 10.28
CA LEU D 11 -34.99 5.63 9.33
C LEU D 11 -36.20 6.08 8.52
N VAL D 12 -36.16 5.80 7.22
CA VAL D 12 -37.27 6.12 6.34
C VAL D 12 -37.63 4.88 5.54
N GLN D 13 -38.91 4.53 5.50
CA GLN D 13 -39.34 3.36 4.74
C GLN D 13 -39.25 3.69 3.25
N PRO D 14 -38.86 2.70 2.44
CA PRO D 14 -38.81 2.87 0.98
C PRO D 14 -40.14 3.40 0.45
N SER D 15 -40.06 4.22 -0.60
CA SER D 15 -41.21 4.88 -1.21
C SER D 15 -41.77 6.06 -0.40
N GLN D 16 -41.37 6.18 0.87
CA GLN D 16 -41.83 7.28 1.70
C GLN D 16 -40.91 8.50 1.58
N SER D 17 -41.26 9.58 2.27
CA SER D 17 -40.53 10.84 2.11
C SER D 17 -39.48 11.07 3.20
N LEU D 18 -38.52 11.94 2.90
CA LEU D 18 -37.45 12.28 3.83
C LEU D 18 -37.47 13.77 4.14
N SER D 19 -37.55 14.12 5.42
CA SER D 19 -37.60 15.52 5.81
C SER D 19 -36.50 15.88 6.79
N ILE D 20 -35.73 16.91 6.46
CA ILE D 20 -34.66 17.40 7.32
C ILE D 20 -34.79 18.90 7.52
N THR D 21 -34.55 19.37 8.73
CA THR D 21 -34.56 20.80 9.01
C THR D 21 -33.15 21.30 9.28
N CYS D 22 -32.81 22.45 8.71
CA CYS D 22 -31.51 23.09 8.92
C CYS D 22 -31.72 24.45 9.57
N THR D 23 -31.24 24.61 10.80
CA THR D 23 -31.41 25.85 11.53
C THR D 23 -30.07 26.57 11.52
N VAL D 24 -30.06 27.81 11.02
CA VAL D 24 -28.81 28.52 10.87
C VAL D 24 -28.72 29.66 11.87
N SER D 25 -27.49 30.07 12.18
CA SER D 25 -27.24 31.26 13.00
C SER D 25 -25.95 31.94 12.58
N GLY D 26 -25.81 33.22 12.93
CA GLY D 26 -24.61 33.95 12.57
C GLY D 26 -24.72 34.57 11.19
N PHE D 27 -25.85 34.31 10.53
CA PHE D 27 -26.18 34.98 9.27
C PHE D 27 -27.66 34.85 9.00
N SER D 28 -28.16 35.68 8.08
CA SER D 28 -29.56 35.71 7.73
C SER D 28 -29.82 34.93 6.45
N LEU D 29 -30.93 34.20 6.42
CA LEU D 29 -31.33 33.47 5.23
C LEU D 29 -31.68 34.43 4.09
N THR D 30 -32.02 35.67 4.44
CA THR D 30 -32.36 36.68 3.44
C THR D 30 -31.12 37.23 2.76
N ASN D 31 -29.95 36.83 3.25
CA ASN D 31 -28.69 37.30 2.68
C ASN D 31 -27.84 36.20 2.06
N TYR D 32 -28.18 34.94 2.34
CA TYR D 32 -27.38 33.82 1.83
C TYR D 32 -28.24 32.64 1.36
N GLY D 33 -27.80 32.00 0.29
CA GLY D 33 -28.43 30.78 -0.16
C GLY D 33 -28.00 29.63 0.73
N VAL D 34 -28.85 28.63 0.89
CA VAL D 34 -28.45 27.41 1.59
C VAL D 34 -28.52 26.22 0.65
N HIS D 35 -27.39 25.56 0.46
CA HIS D 35 -27.30 24.41 -0.44
C HIS D 35 -27.48 23.10 0.32
N TRP D 36 -27.82 22.04 -0.41
CA TRP D 36 -27.89 20.70 0.16
C TRP D 36 -27.02 19.74 -0.64
N VAL D 37 -26.16 19.01 0.07
CA VAL D 37 -25.22 18.06 -0.52
C VAL D 37 -25.36 16.74 0.22
N ARG D 38 -25.32 15.62 -0.50
CA ARG D 38 -25.32 14.31 0.16
C ARG D 38 -24.07 13.50 -0.18
N GLN D 39 -23.77 12.53 0.69
CA GLN D 39 -22.58 11.71 0.53
C GLN D 39 -22.93 10.24 0.75
N SER D 40 -22.76 9.43 -0.29
CA SER D 40 -23.17 8.03 -0.26
C SER D 40 -22.02 7.13 -0.67
N PRO D 41 -22.08 5.83 -0.30
CA PRO D 41 -21.03 4.90 -0.71
C PRO D 41 -20.90 4.80 -2.23
N GLY D 42 -22.04 4.79 -2.93
CA GLY D 42 -22.03 4.59 -4.36
C GLY D 42 -21.64 5.79 -5.21
N LYS D 43 -22.09 6.98 -4.81
CA LYS D 43 -21.84 8.17 -5.61
C LYS D 43 -21.07 9.28 -4.91
N GLY D 44 -20.71 9.05 -3.65
CA GLY D 44 -19.92 10.00 -2.90
C GLY D 44 -20.61 11.34 -2.73
N LEU D 45 -19.83 12.42 -2.80
CA LEU D 45 -20.37 13.77 -2.66
C LEU D 45 -21.20 14.17 -3.89
N GLU D 46 -22.42 14.63 -3.62
CA GLU D 46 -23.41 14.88 -4.65
C GLU D 46 -24.24 16.11 -4.26
N TRP D 47 -24.11 17.17 -5.04
CA TRP D 47 -24.89 18.40 -4.81
C TRP D 47 -26.33 18.18 -5.24
N LEU D 48 -27.27 18.44 -4.35
CA LEU D 48 -28.68 18.14 -4.61
C LEU D 48 -29.46 19.36 -5.09
N GLY D 49 -29.26 20.49 -4.43
CA GLY D 49 -30.01 21.68 -4.75
C GLY D 49 -29.68 22.84 -3.82
N VAL D 50 -30.41 23.93 -3.99
CA VAL D 50 -30.16 25.16 -3.25
C VAL D 50 -31.43 26.00 -3.15
N ILE D 51 -31.63 26.66 -2.03
CA ILE D 51 -32.65 27.70 -1.95
C ILE D 51 -31.98 29.07 -1.75
N TRP D 52 -32.21 29.98 -2.67
CA TRP D 52 -31.53 31.26 -2.67
C TRP D 52 -32.17 32.25 -1.71
N SER D 53 -31.47 33.35 -1.47
CA SER D 53 -31.93 34.39 -0.55
C SER D 53 -33.36 34.78 -0.83
N GLY D 54 -33.66 35.05 -2.10
CA GLY D 54 -34.96 35.53 -2.51
C GLY D 54 -36.05 34.46 -2.47
N GLY D 55 -35.65 33.20 -2.34
CA GLY D 55 -36.62 32.13 -2.26
C GLY D 55 -36.63 31.21 -3.45
N ASN D 56 -35.94 31.59 -4.53
CA ASN D 56 -35.81 30.72 -5.70
C ASN D 56 -35.11 29.42 -5.32
N THR D 57 -35.40 28.36 -6.07
CA THR D 57 -34.73 27.08 -5.88
C THR D 57 -34.14 26.56 -7.18
N ASP D 58 -32.98 25.93 -7.09
CA ASP D 58 -32.42 25.13 -8.17
C ASP D 58 -32.26 23.71 -7.64
N TYR D 59 -32.63 22.72 -8.45
CA TYR D 59 -32.45 21.32 -8.07
C TYR D 59 -31.62 20.61 -9.13
N ASN D 60 -30.63 19.83 -8.70
CA ASN D 60 -29.85 19.03 -9.64
C ASN D 60 -30.77 18.11 -10.44
N THR D 61 -30.51 18.01 -11.75
CA THR D 61 -31.47 17.39 -12.68
C THR D 61 -32.05 16.01 -12.30
N PRO D 62 -31.25 15.09 -11.75
CA PRO D 62 -31.88 13.82 -11.36
C PRO D 62 -32.85 13.91 -10.19
N PHE D 63 -32.93 15.06 -9.52
CA PHE D 63 -33.77 15.19 -8.34
C PHE D 63 -34.91 16.20 -8.52
N THR D 64 -35.00 16.81 -9.69
CA THR D 64 -36.01 17.83 -9.96
C THR D 64 -37.43 17.33 -9.74
N SER D 65 -37.64 16.03 -9.93
CA SER D 65 -38.97 15.44 -9.81
C SER D 65 -39.37 15.19 -8.37
N ARG D 66 -38.41 14.81 -7.52
CA ARG D 66 -38.76 14.35 -6.19
C ARG D 66 -38.16 15.18 -5.06
N LEU D 67 -37.61 16.34 -5.39
CA LEU D 67 -36.99 17.18 -4.37
C LEU D 67 -37.70 18.52 -4.25
N SER D 68 -37.80 19.02 -3.02
CA SER D 68 -38.36 20.34 -2.78
C SER D 68 -37.69 20.97 -1.57
N ILE D 69 -37.32 22.23 -1.70
CA ILE D 69 -36.65 22.94 -0.62
C ILE D 69 -37.40 24.22 -0.29
N ASN D 70 -37.71 24.41 0.99
CA ASN D 70 -38.37 25.61 1.48
C ASN D 70 -37.65 26.17 2.70
N LYS D 71 -38.11 27.32 3.17
CA LYS D 71 -37.49 27.94 4.34
C LYS D 71 -38.41 28.95 5.03
N ASP D 72 -38.04 29.31 6.25
CA ASP D 72 -38.73 30.33 7.02
C ASP D 72 -37.67 31.31 7.49
N ASN D 73 -37.58 32.45 6.80
CA ASN D 73 -36.57 33.46 7.10
C ASN D 73 -36.55 33.89 8.56
N SER D 74 -37.75 34.03 9.13
CA SER D 74 -37.89 34.54 10.49
C SER D 74 -37.44 33.53 11.53
N LYS D 75 -37.54 32.25 11.20
CA LYS D 75 -37.13 31.21 12.13
C LYS D 75 -35.72 30.72 11.82
N SER D 76 -35.11 31.29 10.77
CA SER D 76 -33.79 30.86 10.31
C SER D 76 -33.76 29.36 10.05
N GLN D 77 -34.83 28.84 9.47
CA GLN D 77 -34.93 27.41 9.21
C GLN D 77 -35.06 27.13 7.72
N VAL D 78 -34.31 26.15 7.24
CA VAL D 78 -34.44 25.66 5.87
C VAL D 78 -34.97 24.23 5.91
N PHE D 79 -35.98 23.96 5.08
CA PHE D 79 -36.62 22.66 5.05
C PHE D 79 -36.32 21.87 3.78
N PHE D 80 -35.81 20.67 3.96
CA PHE D 80 -35.43 19.79 2.86
C PHE D 80 -36.38 18.61 2.82
N LYS D 81 -37.04 18.40 1.69
CA LYS D 81 -37.94 17.26 1.54
C LYS D 81 -37.71 16.54 0.22
N MET D 82 -37.59 15.22 0.28
CA MET D 82 -37.39 14.40 -0.90
C MET D 82 -38.35 13.21 -0.88
N ASN D 83 -38.91 12.88 -2.04
CA ASN D 83 -39.91 11.84 -2.14
C ASN D 83 -39.41 10.56 -2.80
N SER D 84 -40.19 9.48 -2.64
CA SER D 84 -39.93 8.22 -3.33
C SER D 84 -38.51 7.70 -3.11
N LEU D 85 -38.12 7.55 -1.86
CA LEU D 85 -36.77 7.12 -1.53
C LEU D 85 -36.55 5.63 -1.77
N GLN D 86 -35.37 5.29 -2.28
CA GLN D 86 -35.00 3.90 -2.46
C GLN D 86 -33.77 3.60 -1.60
N SER D 87 -33.28 2.37 -1.68
CA SER D 87 -32.18 1.93 -0.84
C SER D 87 -30.94 2.78 -1.03
N ASN D 88 -30.61 3.12 -2.27
CA ASN D 88 -29.41 3.91 -2.53
C ASN D 88 -29.56 5.40 -2.25
N ASP D 89 -30.67 5.81 -1.63
CA ASP D 89 -30.79 7.17 -1.13
C ASP D 89 -30.29 7.22 0.31
N THR D 90 -29.85 6.07 0.81
CA THR D 90 -29.21 6.00 2.11
C THR D 90 -27.89 6.75 2.03
N ALA D 91 -27.74 7.79 2.85
CA ALA D 91 -26.57 8.66 2.76
C ALA D 91 -26.56 9.65 3.91
N ILE D 92 -25.44 10.34 4.06
CA ILE D 92 -25.37 11.51 4.92
C ILE D 92 -25.87 12.71 4.12
N TYR D 93 -26.79 13.46 4.69
CA TYR D 93 -27.29 14.67 4.05
C TYR D 93 -26.80 15.91 4.80
N TYR D 94 -26.20 16.85 4.07
CA TYR D 94 -25.68 18.08 4.66
C TYR D 94 -26.39 19.30 4.08
N CYS D 95 -26.61 20.31 4.92
CA CYS D 95 -26.90 21.63 4.42
C CYS D 95 -25.58 22.40 4.46
N ALA D 96 -25.42 23.36 3.56
CA ALA D 96 -24.16 24.09 3.50
C ALA D 96 -24.34 25.54 3.06
N ARG D 97 -23.37 26.38 3.41
CA ARG D 97 -23.37 27.77 3.01
C ARG D 97 -22.05 28.12 2.34
N ALA D 98 -22.12 28.89 1.26
CA ALA D 98 -20.91 29.36 0.58
C ALA D 98 -20.33 30.61 1.25
N LEU D 99 -19.14 31.00 0.82
CA LEU D 99 -18.49 32.21 1.32
C LEU D 99 -19.25 33.47 0.91
N THR D 100 -19.75 33.49 -0.32
CA THR D 100 -20.52 34.62 -0.82
C THR D 100 -21.91 34.16 -1.20
N TYR D 101 -22.85 35.10 -1.25
CA TYR D 101 -24.27 34.78 -1.40
C TYR D 101 -24.60 34.01 -2.67
N TYR D 102 -23.79 34.23 -3.71
CA TYR D 102 -24.09 33.70 -5.04
C TYR D 102 -23.27 32.46 -5.41
N ASP D 103 -22.25 32.14 -4.63
CA ASP D 103 -21.24 31.19 -5.08
C ASP D 103 -21.44 29.78 -4.51
N TYR D 104 -20.48 28.89 -4.78
CA TYR D 104 -20.64 27.48 -4.47
C TYR D 104 -19.43 26.88 -3.74
N GLU D 105 -18.57 27.75 -3.22
CA GLU D 105 -17.47 27.23 -2.41
C GLU D 105 -17.92 27.16 -0.95
N PHE D 106 -18.13 25.94 -0.48
CA PHE D 106 -18.84 25.70 0.77
C PHE D 106 -17.94 25.78 2.00
N ALA D 107 -17.92 26.95 2.62
CA ALA D 107 -17.08 27.22 3.77
C ALA D 107 -17.75 26.78 5.08
N TYR D 108 -19.07 26.63 5.06
CA TYR D 108 -19.80 26.26 6.26
C TYR D 108 -20.74 25.11 6.00
N TRP D 109 -20.67 24.08 6.85
CA TRP D 109 -21.47 22.87 6.68
C TRP D 109 -22.23 22.53 7.96
N GLY D 110 -23.38 21.87 7.81
CA GLY D 110 -24.07 21.28 8.93
C GLY D 110 -23.29 20.06 9.39
N GLN D 111 -23.69 19.46 10.49
CA GLN D 111 -22.97 18.30 11.02
C GLN D 111 -23.34 17.04 10.26
N GLY D 112 -24.36 17.13 9.42
CA GLY D 112 -24.79 16.00 8.62
C GLY D 112 -25.88 15.20 9.30
N THR D 113 -26.78 14.63 8.49
CA THR D 113 -27.86 13.81 8.98
C THR D 113 -27.81 12.46 8.28
N LEU D 114 -27.44 11.40 9.01
CA LEU D 114 -27.44 10.07 8.41
C LEU D 114 -28.86 9.55 8.29
N VAL D 115 -29.34 9.39 7.06
CA VAL D 115 -30.66 8.82 6.85
C VAL D 115 -30.55 7.45 6.21
N THR D 116 -31.37 6.52 6.70
CA THR D 116 -31.33 5.16 6.22
C THR D 116 -32.66 4.80 5.61
N VAL D 117 -32.61 4.20 4.43
CA VAL D 117 -33.82 3.75 3.78
C VAL D 117 -33.87 2.24 3.83
N SER D 118 -34.79 1.70 4.62
CA SER D 118 -34.89 0.27 4.81
C SER D 118 -36.32 -0.07 5.18
N ALA D 119 -36.75 -1.28 4.81
CA ALA D 119 -38.08 -1.76 5.15
C ALA D 119 -38.08 -2.35 6.55
N ALA D 120 -36.99 -2.14 7.28
CA ALA D 120 -36.85 -2.65 8.63
C ALA D 120 -37.51 -1.70 9.63
N SER D 121 -37.35 -2.00 10.91
CA SER D 121 -37.88 -1.14 11.95
C SER D 121 -36.79 -0.67 12.90
N THR D 122 -37.04 0.44 13.58
CA THR D 122 -36.06 1.01 14.50
C THR D 122 -35.92 0.15 15.75
N LYS D 123 -34.68 -0.05 16.20
CA LYS D 123 -34.42 -0.83 17.40
C LYS D 123 -33.28 -0.22 18.22
N GLY D 124 -33.52 -0.05 19.52
CA GLY D 124 -32.53 0.51 20.41
C GLY D 124 -31.53 -0.53 20.86
N PRO D 125 -30.30 -0.10 21.15
CA PRO D 125 -29.21 -1.01 21.51
C PRO D 125 -29.27 -1.52 22.94
N SER D 126 -28.60 -2.64 23.18
CA SER D 126 -28.27 -3.07 24.53
C SER D 126 -26.81 -2.66 24.78
N VAL D 127 -26.54 -2.21 25.99
CA VAL D 127 -25.19 -1.78 26.34
C VAL D 127 -24.63 -2.67 27.44
N PHE D 128 -23.52 -3.35 27.14
CA PHE D 128 -22.90 -4.27 28.08
C PHE D 128 -21.49 -3.80 28.39
N PRO D 129 -21.02 -4.06 29.62
CA PRO D 129 -19.66 -3.68 30.02
C PRO D 129 -18.60 -4.58 29.40
N LEU D 130 -17.51 -3.98 28.95
CA LEU D 130 -16.30 -4.73 28.65
C LEU D 130 -15.39 -4.53 29.84
N ALA D 131 -15.49 -5.44 30.79
CA ALA D 131 -14.89 -5.25 32.10
C ALA D 131 -13.40 -5.59 32.14
N PRO D 132 -12.60 -4.68 32.70
CA PRO D 132 -11.16 -4.87 32.87
C PRO D 132 -10.85 -5.88 33.97
N SER D 133 -9.73 -6.58 33.83
CA SER D 133 -9.26 -7.48 34.87
C SER D 133 -7.75 -7.65 34.73
N SER D 134 -7.28 -8.89 34.87
CA SER D 134 -5.87 -9.20 34.69
C SER D 134 -5.61 -9.63 33.24
N LYS D 135 -6.66 -10.11 32.58
CA LYS D 135 -6.58 -10.54 31.19
C LYS D 135 -6.65 -9.32 30.26
N SER D 136 -6.90 -8.17 30.87
CA SER D 136 -6.86 -6.90 30.15
C SER D 136 -5.99 -5.90 30.92
N THR D 137 -4.84 -6.37 31.39
CA THR D 137 -3.87 -5.49 32.03
C THR D 137 -2.45 -5.79 31.53
N SER D 138 -1.65 -4.75 31.38
CA SER D 138 -0.27 -4.87 30.91
C SER D 138 0.42 -3.51 31.02
N GLY D 139 1.54 -3.48 31.73
CA GLY D 139 2.28 -2.24 31.91
C GLY D 139 1.60 -1.31 32.88
N GLY D 140 0.79 -1.89 33.78
CA GLY D 140 -0.01 -1.11 34.70
C GLY D 140 -1.21 -0.49 34.00
N THR D 141 -1.34 -0.75 32.71
CA THR D 141 -2.43 -0.22 31.90
C THR D 141 -3.57 -1.21 31.80
N ALA D 142 -4.79 -0.75 32.03
CA ALA D 142 -5.95 -1.61 31.87
C ALA D 142 -6.84 -1.07 30.75
N ALA D 143 -7.47 -1.99 30.04
CA ALA D 143 -8.40 -1.61 29.00
C ALA D 143 -9.80 -1.90 29.49
N LEU D 144 -10.74 -1.02 29.16
CA LEU D 144 -12.13 -1.26 29.48
C LEU D 144 -12.99 -0.65 28.39
N GLY D 145 -14.25 -1.04 28.32
CA GLY D 145 -15.12 -0.48 27.31
C GLY D 145 -16.58 -0.85 27.44
N CYS D 146 -17.34 -0.49 26.42
CA CYS D 146 -18.77 -0.78 26.35
C CYS D 146 -19.10 -1.43 25.03
N LEU D 147 -19.90 -2.49 25.10
CA LEU D 147 -20.38 -3.17 23.90
C LEU D 147 -21.80 -2.70 23.63
N VAL D 148 -21.99 -2.05 22.49
CA VAL D 148 -23.28 -1.48 22.11
C VAL D 148 -23.88 -2.35 21.01
N LYS D 149 -24.83 -3.19 21.40
CA LYS D 149 -25.24 -4.31 20.56
C LYS D 149 -26.71 -4.30 20.14
N ASP D 150 -26.95 -4.73 18.90
CA ASP D 150 -28.28 -4.95 18.35
C ASP D 150 -29.11 -3.69 18.20
N TYR D 151 -28.65 -2.78 17.36
CA TYR D 151 -29.41 -1.57 17.10
C TYR D 151 -29.58 -1.33 15.61
N PHE D 152 -30.61 -0.57 15.28
CA PHE D 152 -30.90 -0.20 13.91
C PHE D 152 -31.76 1.06 13.92
N PRO D 153 -31.49 2.01 13.02
CA PRO D 153 -30.37 1.99 12.09
C PRO D 153 -29.16 2.63 12.73
N GLU D 154 -28.13 2.90 11.94
CA GLU D 154 -27.05 3.75 12.39
C GLU D 154 -27.59 5.16 12.52
N PRO D 155 -26.89 6.03 13.28
CA PRO D 155 -25.67 5.80 14.05
C PRO D 155 -25.94 5.73 15.54
N VAL D 156 -24.87 5.49 16.29
CA VAL D 156 -24.88 5.62 17.74
C VAL D 156 -23.69 6.51 18.09
N THR D 157 -23.87 7.43 19.03
CA THR D 157 -22.73 8.20 19.52
C THR D 157 -22.30 7.67 20.88
N VAL D 158 -20.99 7.65 21.12
CA VAL D 158 -20.48 7.21 22.40
C VAL D 158 -19.45 8.19 22.92
N SER D 159 -19.59 8.58 24.17
CA SER D 159 -18.57 9.37 24.83
C SER D 159 -18.23 8.74 26.16
N TRP D 160 -17.20 9.25 26.80
CA TRP D 160 -16.79 8.72 28.10
C TRP D 160 -16.76 9.83 29.13
N ASN D 161 -17.35 9.55 30.29
CA ASN D 161 -17.42 10.52 31.39
C ASN D 161 -17.94 11.87 30.92
N SER D 162 -19.02 11.84 30.14
CA SER D 162 -19.68 13.04 29.64
C SER D 162 -18.76 13.97 28.85
N GLY D 163 -17.80 13.39 28.14
CA GLY D 163 -16.91 14.18 27.32
C GLY D 163 -15.57 14.49 27.95
N ALA D 164 -15.46 14.31 29.26
CA ALA D 164 -14.23 14.65 29.98
C ALA D 164 -13.08 13.70 29.66
N LEU D 165 -13.41 12.50 29.20
CA LEU D 165 -12.39 11.49 28.93
C LEU D 165 -12.30 11.20 27.43
N THR D 166 -11.19 11.57 26.82
CA THR D 166 -11.03 11.42 25.37
C THR D 166 -9.72 10.71 25.05
N SER D 167 -8.72 10.94 25.88
CA SER D 167 -7.40 10.35 25.67
C SER D 167 -7.47 8.84 25.79
N GLY D 168 -7.01 8.15 24.74
CA GLY D 168 -6.98 6.70 24.74
C GLY D 168 -8.31 6.04 24.41
N VAL D 169 -9.29 6.84 24.02
CA VAL D 169 -10.59 6.30 23.64
C VAL D 169 -10.58 5.82 22.18
N HIS D 170 -11.06 4.61 21.95
CA HIS D 170 -11.25 4.10 20.60
C HIS D 170 -12.69 3.64 20.42
N THR D 171 -13.43 4.32 19.57
CA THR D 171 -14.78 3.90 19.26
C THR D 171 -14.78 3.33 17.86
N PHE D 172 -14.96 2.02 17.77
CA PHE D 172 -14.83 1.30 16.52
C PHE D 172 -16.00 1.55 15.58
N PRO D 173 -15.75 1.48 14.27
CA PRO D 173 -16.84 1.50 13.30
C PRO D 173 -17.81 0.36 13.58
N ALA D 174 -19.11 0.62 13.47
CA ALA D 174 -20.11 -0.40 13.68
C ALA D 174 -19.97 -1.50 12.64
N VAL D 175 -20.26 -2.74 13.03
CA VAL D 175 -20.34 -3.81 12.06
C VAL D 175 -21.79 -4.21 11.91
N LEU D 176 -22.16 -4.58 10.68
CA LEU D 176 -23.48 -5.11 10.41
C LEU D 176 -23.46 -6.61 10.66
N GLN D 177 -24.25 -7.05 11.63
CA GLN D 177 -24.33 -8.47 11.96
C GLN D 177 -25.26 -9.17 10.99
N SER D 178 -25.21 -10.50 10.98
CA SER D 178 -26.01 -11.27 10.04
C SER D 178 -27.50 -11.17 10.32
N SER D 179 -27.84 -10.74 11.53
CA SER D 179 -29.22 -10.47 11.92
C SER D 179 -29.75 -9.20 11.26
N GLY D 180 -28.86 -8.41 10.66
CA GLY D 180 -29.25 -7.13 10.09
C GLY D 180 -29.19 -5.99 11.10
N LEU D 181 -28.81 -6.31 12.33
CA LEU D 181 -28.68 -5.30 13.38
C LEU D 181 -27.23 -4.87 13.51
N TYR D 182 -27.01 -3.62 13.89
CA TYR D 182 -25.64 -3.14 14.08
C TYR D 182 -25.13 -3.41 15.50
N SER D 183 -23.81 -3.37 15.63
CA SER D 183 -23.17 -3.54 16.91
C SER D 183 -21.82 -2.85 16.87
N LEU D 184 -21.43 -2.21 17.97
CA LEU D 184 -20.11 -1.60 18.05
C LEU D 184 -19.54 -1.65 19.45
N SER D 185 -18.23 -1.51 19.55
CA SER D 185 -17.57 -1.36 20.84
C SER D 185 -16.83 -0.04 20.92
N SER D 186 -16.79 0.52 22.12
CA SER D 186 -15.94 1.65 22.40
C SER D 186 -15.05 1.24 23.56
N VAL D 187 -13.74 1.40 23.42
CA VAL D 187 -12.83 1.08 24.52
C VAL D 187 -11.96 2.27 24.93
N VAL D 188 -11.42 2.19 26.14
CA VAL D 188 -10.47 3.18 26.62
C VAL D 188 -9.42 2.48 27.47
N THR D 189 -8.18 2.93 27.40
CA THR D 189 -7.12 2.41 28.25
C THR D 189 -6.87 3.41 29.36
N VAL D 190 -6.78 2.91 30.59
CA VAL D 190 -6.58 3.74 31.78
C VAL D 190 -5.53 3.08 32.68
N PRO D 191 -4.92 3.87 33.59
CA PRO D 191 -4.02 3.25 34.58
C PRO D 191 -4.82 2.29 35.43
N SER D 192 -4.33 1.08 35.62
CA SER D 192 -5.07 0.08 36.36
C SER D 192 -5.23 0.47 37.83
N SER D 193 -4.35 1.32 38.34
CA SER D 193 -4.48 1.74 39.74
C SER D 193 -5.57 2.80 39.93
N SER D 194 -6.20 3.21 38.84
CA SER D 194 -7.29 4.18 38.93
C SER D 194 -8.65 3.49 38.94
N LEU D 195 -8.66 2.18 38.77
CA LEU D 195 -9.91 1.43 38.66
C LEU D 195 -10.74 1.44 39.95
N GLY D 196 -10.13 1.84 41.05
CA GLY D 196 -10.81 1.81 42.34
C GLY D 196 -11.50 3.11 42.71
N THR D 197 -10.87 4.23 42.37
CA THR D 197 -11.36 5.53 42.83
C THR D 197 -11.93 6.41 41.73
N GLN D 198 -11.63 6.09 40.47
CA GLN D 198 -12.14 6.86 39.35
C GLN D 198 -13.24 6.08 38.64
N THR D 199 -14.39 6.73 38.45
CA THR D 199 -15.50 6.08 37.75
C THR D 199 -15.37 6.26 36.24
N TYR D 200 -15.60 5.18 35.51
CA TYR D 200 -15.58 5.23 34.06
C TYR D 200 -16.96 4.91 33.52
N ILE D 201 -17.54 5.87 32.82
CA ILE D 201 -18.91 5.75 32.35
C ILE D 201 -18.96 5.98 30.85
N CYS D 202 -19.51 5.02 30.11
CA CYS D 202 -19.74 5.26 28.70
C CYS D 202 -21.13 5.84 28.50
N ASN D 203 -21.20 6.92 27.73
CA ASN D 203 -22.45 7.60 27.45
C ASN D 203 -22.94 7.24 26.05
N VAL D 204 -24.00 6.45 25.99
CA VAL D 204 -24.47 5.93 24.71
C VAL D 204 -25.75 6.63 24.30
N ASN D 205 -25.77 7.14 23.07
CA ASN D 205 -26.96 7.78 22.55
C ASN D 205 -27.33 7.20 21.19
N HIS D 206 -28.48 6.55 21.12
CA HIS D 206 -29.01 6.10 19.86
C HIS D 206 -30.22 6.93 19.52
N LYS D 207 -29.98 8.05 18.85
CA LYS D 207 -31.03 9.02 18.53
C LYS D 207 -32.26 8.48 17.78
N PRO D 208 -32.07 7.60 16.78
CA PRO D 208 -33.25 7.08 16.07
C PRO D 208 -34.30 6.41 16.96
N SER D 209 -33.88 5.80 18.06
CA SER D 209 -34.81 5.12 18.95
C SER D 209 -35.02 5.89 20.23
N ASN D 210 -34.43 7.07 20.32
CA ASN D 210 -34.46 7.87 21.54
C ASN D 210 -33.97 7.09 22.76
N THR D 211 -32.93 6.29 22.57
CA THR D 211 -32.33 5.53 23.65
C THR D 211 -31.05 6.19 24.13
N LYS D 212 -31.05 6.61 25.41
CA LYS D 212 -29.84 7.10 26.04
C LYS D 212 -29.49 6.24 27.24
N VAL D 213 -28.23 5.81 27.32
CA VAL D 213 -27.78 4.97 28.42
C VAL D 213 -26.42 5.44 28.92
N ASP D 214 -26.28 5.57 30.24
CA ASP D 214 -24.99 5.80 30.87
C ASP D 214 -24.58 4.53 31.62
N LYS D 215 -23.55 3.86 31.13
CA LYS D 215 -23.13 2.62 31.75
C LYS D 215 -21.79 2.78 32.43
N ARG D 216 -21.76 2.59 33.74
CA ARG D 216 -20.49 2.55 34.46
C ARG D 216 -19.82 1.21 34.23
N VAL D 217 -18.53 1.24 33.91
CA VAL D 217 -17.78 0.02 33.69
C VAL D 217 -16.71 -0.12 34.75
N GLU D 218 -16.72 -1.23 35.47
CA GLU D 218 -15.71 -1.52 36.48
C GLU D 218 -15.39 -3.01 36.49
N PRO D 219 -14.22 -3.39 37.04
CA PRO D 219 -13.89 -4.82 37.09
C PRO D 219 -14.92 -5.61 37.89
N LYS D 220 -15.24 -6.82 37.44
CA LYS D 220 -16.21 -7.67 38.14
C LYS D 220 -15.67 -8.12 39.49
N CYS E 1 12.01 2.17 -1.33
CA CYS E 1 13.06 3.04 -0.84
C CYS E 1 13.98 3.45 -2.00
N GLN E 2 15.14 2.81 -2.09
CA GLN E 2 16.09 3.11 -3.14
C GLN E 2 16.10 2.04 -4.22
N PHE E 3 16.89 2.27 -5.26
CA PHE E 3 17.02 1.34 -6.37
C PHE E 3 17.92 0.17 -6.00
N ASP E 4 17.48 -1.04 -6.32
CA ASP E 4 18.24 -2.25 -6.00
C ASP E 4 18.99 -2.76 -7.22
N LEU E 5 20.31 -2.81 -7.11
CA LEU E 5 21.17 -3.24 -8.21
C LEU E 5 21.02 -4.72 -8.55
N SER E 6 20.57 -5.50 -7.58
CA SER E 6 20.42 -6.94 -7.77
C SER E 6 19.21 -7.30 -8.63
N THR E 7 18.10 -6.60 -8.41
CA THR E 7 16.85 -6.93 -9.07
C THR E 7 16.45 -5.90 -10.12
N ARG E 8 17.20 -4.80 -10.17
CA ARG E 8 16.87 -3.66 -11.03
C ARG E 8 15.48 -3.12 -10.72
N ARG E 9 15.11 -3.18 -9.45
CA ARG E 9 13.80 -2.72 -9.01
C ARG E 9 13.92 -1.82 -7.79
N LEU E 10 12.91 -0.97 -7.57
CA LEU E 10 12.89 -0.12 -6.39
C LEU E 10 12.47 -0.93 -5.17
N LYS E 11 13.15 -0.70 -4.06
CA LYS E 11 12.86 -1.45 -2.83
C LYS E 11 11.60 -0.95 -2.14
N CYS E 12 11.25 -1.63 -1.04
CA CYS E 12 10.06 -1.30 -0.25
C CYS E 12 8.78 -1.31 -1.08
N CYS F 1 -14.32 -0.81 -1.42
CA CYS F 1 -13.46 0.32 -1.09
C CYS F 1 -14.14 1.65 -1.43
N GLN F 2 -15.34 1.83 -0.89
CA GLN F 2 -16.12 3.03 -1.14
C GLN F 2 -16.26 3.86 0.14
N PHE F 3 -17.06 4.91 0.07
CA PHE F 3 -17.27 5.79 1.22
C PHE F 3 -18.10 5.11 2.32
N ASP F 4 -17.59 5.16 3.54
CA ASP F 4 -18.24 4.50 4.68
C ASP F 4 -19.08 5.46 5.51
N LEU F 5 -20.38 5.15 5.63
CA LEU F 5 -21.31 6.02 6.34
C LEU F 5 -21.06 6.06 7.84
N SER F 6 -20.46 5.00 8.38
CA SER F 6 -20.19 4.93 9.81
C SER F 6 -19.07 5.89 10.23
N THR F 7 -18.00 5.93 9.44
CA THR F 7 -16.81 6.71 9.80
C THR F 7 -16.72 8.02 9.02
N ARG F 8 -17.55 8.16 8.00
CA ARG F 8 -17.42 9.26 7.04
C ARG F 8 -16.03 9.26 6.41
N ARG F 9 -15.49 8.06 6.18
CA ARG F 9 -14.19 7.91 5.56
C ARG F 9 -14.24 6.97 4.38
N LEU F 10 -13.25 7.08 3.50
CA LEU F 10 -13.12 6.16 2.37
C LEU F 10 -12.53 4.84 2.86
N LYS F 11 -13.12 3.74 2.42
CA LYS F 11 -12.65 2.41 2.83
C LYS F 11 -11.37 2.04 2.09
N CYS F 12 -10.69 1.01 2.59
CA CYS F 12 -9.48 0.48 1.98
C CYS F 12 -8.37 1.53 1.91
P PO4 G . 3.29 -5.97 -23.11
O1 PO4 G . 3.45 -4.68 -22.30
O2 PO4 G . 3.49 -5.66 -24.57
O3 PO4 G . 4.34 -6.97 -22.67
O4 PO4 G . 1.91 -6.53 -22.88
P PO4 H . -5.39 21.95 11.43
O1 PO4 H . -5.74 23.41 11.61
O2 PO4 H . -5.52 21.58 9.98
O3 PO4 H . -3.98 21.72 11.89
O4 PO4 H . -6.34 21.12 12.26
P PO4 I . -13.23 -17.15 9.59
O1 PO4 I . -13.81 -16.75 10.92
O2 PO4 I . -14.34 -17.30 8.57
O3 PO4 I . -12.28 -16.06 9.11
O4 PO4 I . -12.47 -18.45 9.70
#